data_8VLY
#
_entry.id   8VLY
#
_cell.length_a   1.00
_cell.length_b   1.00
_cell.length_c   1.00
_cell.angle_alpha   90.00
_cell.angle_beta   90.00
_cell.angle_gamma   90.00
#
_symmetry.space_group_name_H-M   'P 1'
#
loop_
_entity.id
_entity.type
_entity.pdbx_description
1 polymer 'Heparan-alpha-glucosaminide N-acetyltransferase'
2 branched 2-acetamido-2-deoxy-beta-D-glucopyranose-(1-4)-2-acetamido-2-deoxy-beta-D-glucopyranose
3 non-polymer 2-acetamido-2-deoxy-beta-D-glucopyranose
#
_entity_poly.entity_id   1
_entity_poly.type   'polypeptide(L)'
_entity_poly.pdbx_seq_one_letter_code
;MTGARASAAEQRRAGRSGQARAAERAAGMSGAGRALAALLLAASVLSAALLAPGGSSGRDAQAAPPRDLDKKRHAELKMD
QALLLIHNELLWTNLTVYWKSECCYHCLFQVLVNVPQSPKAGKPSAAAASVSTQHGSILQLNDTLEEKEVCRLEYRFGEF
GNYSLLVKNIHNGVSEIACDLAVNEDPVDSNLPVSIAFLIGLAVIIVISFLRLLLSLDDFNNWISKAISSRETDRLINSE
LGSPSRTDPLDGDVQPATWRLSALPPRLRSVDTFRGIALILMVFVNYGGGKYWYFKHASWNGLTVADLVFPWFVFIMGSS
IFLSMTSILQRGCSKFRLLGKIAWRSFLLICIGIIIVNPNYCLGPLSWDKVRIPGVLQRLGVTYFVVAVLELLFAKPVPE
HCASERSCLSLRDITSSWPQWLLILVLEGLWLGLTFLLPVPGCPTGYLGPGGIGDFGKYPNCTGGAAGYIDRLLLGDDHL
YQHPSSAVLYHTEVAYDPEGILGTINSIVMAFLGVQAGKILLYYKARTKDILIRFTAWCCILGLISVALTKVSENEGFIP
VNKNLWSLSYVTTLSSFAFFILLVLYPVVDVKGLWTGTPFFYPGMNSILVYVGHEVFENYFPFQWKLKDNQSHKEHLTQN
IVATALWVLIAYILYRKKIFWKI
;
_entity_poly.pdbx_strand_id   A,B
#
# COMPACT_ATOMS: atom_id res chain seq x y z
N GLU A 76 -4.72 -29.72 8.37
CA GLU A 76 -5.57 -30.36 7.37
C GLU A 76 -6.98 -29.79 7.40
N LEU A 77 -7.37 -29.24 8.54
CA LEU A 77 -8.70 -28.66 8.72
C LEU A 77 -8.62 -27.15 8.62
N LYS A 78 -9.71 -26.55 8.13
CA LYS A 78 -9.79 -25.11 7.98
C LYS A 78 -10.17 -24.50 9.32
N MET A 79 -10.47 -23.20 9.33
CA MET A 79 -10.88 -22.51 10.55
C MET A 79 -12.39 -22.59 10.70
N ASP A 80 -12.85 -22.91 11.91
CA ASP A 80 -14.28 -23.12 12.20
C ASP A 80 -14.87 -24.19 11.28
N GLN A 81 -14.22 -25.36 11.26
CA GLN A 81 -14.64 -26.45 10.38
C GLN A 81 -14.35 -27.77 11.09
N ALA A 82 -15.40 -28.44 11.56
CA ALA A 82 -15.24 -29.76 12.14
C ALA A 82 -15.13 -30.82 11.04
N LEU A 83 -14.67 -32.00 11.43
CA LEU A 83 -14.54 -33.12 10.52
C LEU A 83 -15.68 -34.10 10.77
N LEU A 84 -16.43 -34.42 9.73
CA LEU A 84 -17.59 -35.30 9.82
C LEU A 84 -17.27 -36.58 9.03
N LEU A 85 -17.16 -37.68 9.75
CA LEU A 85 -16.94 -38.99 9.14
C LEU A 85 -18.24 -39.77 9.17
N ILE A 86 -18.64 -40.28 8.01
CA ILE A 86 -19.88 -41.04 7.87
C ILE A 86 -19.51 -42.50 7.65
N HIS A 87 -19.98 -43.38 8.53
CA HIS A 87 -19.80 -44.82 8.42
C HIS A 87 -21.15 -45.43 8.10
N ASN A 88 -21.33 -45.88 6.86
CA ASN A 88 -22.59 -46.40 6.39
C ASN A 88 -22.53 -47.93 6.36
N GLU A 89 -23.37 -48.58 7.15
CA GLU A 89 -23.45 -50.03 7.20
C GLU A 89 -24.49 -50.60 6.25
N LEU A 90 -25.16 -49.75 5.47
CA LEU A 90 -26.16 -50.24 4.53
C LEU A 90 -25.51 -50.99 3.38
N LEU A 91 -26.29 -51.89 2.77
CA LEU A 91 -25.76 -52.83 1.80
C LEU A 91 -26.12 -52.47 0.36
N TRP A 92 -27.39 -52.30 0.04
CA TRP A 92 -27.83 -52.10 -1.33
C TRP A 92 -28.47 -50.73 -1.55
N THR A 93 -28.02 -49.73 -0.81
CA THR A 93 -28.53 -48.37 -0.97
C THR A 93 -27.37 -47.39 -0.94
N ASN A 94 -27.18 -46.65 -2.03
CA ASN A 94 -26.26 -45.54 -2.00
C ASN A 94 -26.76 -44.50 -1.00
N LEU A 95 -25.82 -43.76 -0.41
CA LEU A 95 -26.17 -42.76 0.59
C LEU A 95 -25.56 -41.42 0.20
N THR A 96 -26.38 -40.38 0.23
CA THR A 96 -25.92 -39.01 0.01
C THR A 96 -26.38 -38.15 1.17
N VAL A 97 -25.60 -37.10 1.47
CA VAL A 97 -25.87 -36.25 2.62
C VAL A 97 -26.01 -34.82 2.15
N TYR A 98 -26.67 -34.01 2.97
CA TYR A 98 -26.88 -32.61 2.70
C TYR A 98 -26.66 -31.80 3.96
N TRP A 99 -26.42 -30.51 3.80
CA TRP A 99 -26.12 -29.65 4.94
C TRP A 99 -26.58 -28.23 4.64
N LYS A 100 -27.35 -27.65 5.55
CA LYS A 100 -27.72 -26.25 5.48
C LYS A 100 -27.50 -25.60 6.84
N SER A 101 -26.98 -24.38 6.83
CA SER A 101 -26.75 -23.67 8.08
C SER A 101 -28.07 -23.36 8.76
N GLU A 102 -28.06 -23.45 10.10
CA GLU A 102 -29.28 -23.16 10.85
C GLU A 102 -29.68 -21.71 10.76
N CYS A 103 -28.77 -20.82 10.36
CA CYS A 103 -29.06 -19.40 10.25
C CYS A 103 -29.74 -19.02 8.95
N CYS A 104 -29.80 -19.93 7.97
CA CYS A 104 -30.53 -19.65 6.75
C CYS A 104 -32.02 -19.55 7.01
N TYR A 105 -32.67 -18.57 6.37
CA TYR A 105 -34.12 -18.48 6.45
C TYR A 105 -34.79 -19.54 5.59
N HIS A 106 -34.39 -19.63 4.32
CA HIS A 106 -34.87 -20.68 3.43
C HIS A 106 -33.73 -20.98 2.46
N CYS A 107 -32.92 -21.98 2.80
CA CYS A 107 -31.75 -22.35 2.01
C CYS A 107 -31.94 -23.74 1.44
N LEU A 108 -31.70 -23.89 0.15
CA LEU A 108 -31.66 -25.21 -0.46
C LEU A 108 -30.46 -26.00 0.05
N PHE A 109 -30.66 -27.28 0.30
CA PHE A 109 -29.58 -28.14 0.74
C PHE A 109 -28.53 -28.28 -0.36
N GLN A 110 -27.28 -28.48 0.06
CA GLN A 110 -26.17 -28.65 -0.86
C GLN A 110 -25.53 -30.00 -0.65
N VAL A 111 -25.02 -30.58 -1.72
CA VAL A 111 -24.36 -31.88 -1.64
C VAL A 111 -23.07 -31.72 -0.85
N LEU A 112 -22.97 -32.45 0.26
CA LEU A 112 -21.75 -32.40 1.07
C LEU A 112 -20.79 -33.52 0.69
N VAL A 113 -21.26 -34.76 0.70
CA VAL A 113 -20.45 -35.91 0.32
C VAL A 113 -21.38 -37.05 -0.03
N ASN A 114 -20.91 -37.97 -0.86
CA ASN A 114 -21.65 -39.16 -1.25
C ASN A 114 -20.98 -40.38 -0.65
N VAL A 115 -21.73 -41.18 0.09
CA VAL A 115 -21.21 -42.37 0.77
C VAL A 115 -21.67 -43.58 -0.02
N PRO A 116 -20.77 -44.33 -0.67
CA PRO A 116 -21.18 -45.52 -1.40
C PRO A 116 -21.64 -46.63 -0.46
N GLN A 117 -22.40 -47.56 -1.02
CA GLN A 117 -22.90 -48.69 -0.25
C GLN A 117 -21.75 -49.59 0.20
N SER A 118 -21.93 -50.20 1.36
CA SER A 118 -20.88 -51.07 1.92
C SER A 118 -20.71 -52.30 1.04
N PRO A 119 -19.49 -52.65 0.65
CA PRO A 119 -19.30 -53.87 -0.17
C PRO A 119 -19.75 -55.14 0.52
N LYS A 120 -19.60 -55.22 1.85
CA LYS A 120 -19.99 -56.42 2.58
C LYS A 120 -20.25 -56.04 4.04
N ALA A 121 -20.94 -56.93 4.74
CA ALA A 121 -21.22 -56.71 6.15
C ALA A 121 -19.94 -56.76 6.96
N GLY A 122 -19.84 -55.89 7.96
CA GLY A 122 -18.68 -55.81 8.82
C GLY A 122 -17.59 -54.87 8.33
N LYS A 123 -17.69 -54.37 7.10
CA LYS A 123 -16.74 -53.40 6.55
C LYS A 123 -17.52 -52.24 5.96
N PRO A 124 -18.10 -51.39 6.80
CA PRO A 124 -18.91 -50.27 6.28
C PRO A 124 -18.05 -49.29 5.50
N SER A 125 -18.64 -48.73 4.44
CA SER A 125 -17.95 -47.73 3.65
C SER A 125 -17.88 -46.41 4.42
N ALA A 126 -16.69 -45.83 4.48
CA ALA A 126 -16.44 -44.61 5.24
C ALA A 126 -16.04 -43.49 4.29
N ALA A 127 -16.67 -42.33 4.47
CA ALA A 127 -16.35 -41.14 3.68
C ALA A 127 -16.14 -39.97 4.61
N ALA A 128 -15.23 -39.08 4.23
CA ALA A 128 -14.87 -37.93 5.04
C ALA A 128 -15.36 -36.65 4.40
N ALA A 129 -15.81 -35.71 5.24
CA ALA A 129 -16.27 -34.42 4.76
C ALA A 129 -16.07 -33.38 5.85
N SER A 130 -15.87 -32.14 5.44
CA SER A 130 -15.68 -31.03 6.36
C SER A 130 -16.97 -30.21 6.42
N VAL A 131 -17.47 -29.99 7.63
CA VAL A 131 -18.72 -29.28 7.85
C VAL A 131 -18.41 -27.96 8.56
N SER A 132 -19.13 -26.91 8.17
CA SER A 132 -18.92 -25.60 8.78
C SER A 132 -19.38 -25.60 10.23
N THR A 133 -18.92 -24.61 10.98
CA THR A 133 -19.15 -24.56 12.42
C THR A 133 -19.55 -23.19 12.95
N GLN A 134 -19.54 -22.15 12.13
CA GLN A 134 -19.73 -20.80 12.64
C GLN A 134 -21.03 -20.68 13.44
N HIS A 135 -22.11 -21.26 12.94
CA HIS A 135 -23.38 -21.24 13.66
C HIS A 135 -24.28 -22.36 13.14
N GLY A 136 -24.51 -23.37 13.97
CA GLY A 136 -25.47 -24.41 13.69
C GLY A 136 -25.15 -25.29 12.49
N SER A 137 -25.93 -26.37 12.33
CA SER A 137 -25.83 -27.25 11.18
C SER A 137 -27.02 -28.19 11.18
N ILE A 138 -27.61 -28.39 10.00
CA ILE A 138 -28.73 -29.31 9.82
C ILE A 138 -28.36 -30.24 8.68
N LEU A 139 -28.38 -31.54 8.95
CA LEU A 139 -27.99 -32.55 7.97
C LEU A 139 -29.21 -33.35 7.53
N GLN A 140 -29.27 -33.68 6.24
CA GLN A 140 -30.34 -34.51 5.69
C GLN A 140 -29.72 -35.70 4.98
N LEU A 141 -30.17 -36.89 5.34
CA LEU A 141 -29.71 -38.13 4.74
C LEU A 141 -30.77 -38.64 3.77
N ASN A 142 -30.41 -38.79 2.50
CA ASN A 142 -31.35 -39.21 1.48
C ASN A 142 -30.75 -40.33 0.64
N ASP A 143 -31.61 -41.23 0.18
CA ASP A 143 -31.18 -42.27 -0.74
C ASP A 143 -30.90 -41.66 -2.10
N THR A 144 -29.81 -42.12 -2.72
CA THR A 144 -29.40 -41.55 -4.01
C THR A 144 -30.41 -41.88 -5.12
N LEU A 145 -30.93 -43.11 -5.13
CA LEU A 145 -31.80 -43.54 -6.21
C LEU A 145 -33.27 -43.33 -5.92
N GLU A 146 -33.72 -43.68 -4.71
CA GLU A 146 -35.14 -43.57 -4.37
C GLU A 146 -35.53 -42.20 -3.85
N GLU A 147 -34.56 -41.33 -3.54
CA GLU A 147 -34.82 -39.98 -3.04
C GLU A 147 -35.75 -40.00 -1.83
N LYS A 148 -35.47 -40.91 -0.90
CA LYS A 148 -36.23 -41.02 0.34
C LYS A 148 -35.35 -40.62 1.52
N GLU A 149 -35.96 -39.90 2.46
CA GLU A 149 -35.23 -39.44 3.64
C GLU A 149 -35.04 -40.59 4.62
N VAL A 150 -33.79 -40.79 5.06
CA VAL A 150 -33.48 -41.84 6.02
C VAL A 150 -33.52 -41.26 7.43
N CYS A 151 -32.71 -40.22 7.67
CA CYS A 151 -32.69 -39.57 8.97
C CYS A 151 -32.11 -38.16 8.79
N ARG A 152 -32.31 -37.33 9.80
CA ARG A 152 -31.80 -35.97 9.79
C ARG A 152 -31.35 -35.60 11.20
N LEU A 153 -30.42 -34.64 11.27
CA LEU A 153 -29.87 -34.21 12.54
C LEU A 153 -29.81 -32.70 12.59
N GLU A 154 -29.84 -32.16 13.81
CA GLU A 154 -29.68 -30.73 14.06
C GLU A 154 -28.48 -30.43 14.93
N TYR A 155 -27.49 -31.32 14.95
CA TYR A 155 -26.34 -31.18 15.82
C TYR A 155 -25.52 -29.96 15.43
N ARG A 156 -25.04 -29.24 16.45
CA ARG A 156 -24.13 -28.11 16.27
C ARG A 156 -22.72 -28.57 16.59
N PHE A 157 -21.85 -28.54 15.59
CA PHE A 157 -20.51 -29.10 15.72
C PHE A 157 -19.58 -28.14 16.44
N GLY A 158 -18.37 -28.64 16.75
CA GLY A 158 -17.36 -27.82 17.37
C GLY A 158 -16.30 -27.34 16.39
N GLU A 159 -15.48 -26.38 16.84
CA GLU A 159 -14.55 -25.72 15.94
C GLU A 159 -13.58 -26.72 15.32
N PHE A 160 -12.96 -27.56 16.15
CA PHE A 160 -12.03 -28.58 15.70
C PHE A 160 -12.44 -29.90 16.35
N GLY A 161 -13.38 -30.60 15.70
CA GLY A 161 -13.89 -31.85 16.20
C GLY A 161 -13.56 -33.01 15.29
N ASN A 162 -13.98 -34.19 15.73
CA ASN A 162 -13.78 -35.42 14.97
C ASN A 162 -15.04 -36.27 15.00
N TYR A 163 -16.20 -35.63 14.82
CA TYR A 163 -17.48 -36.33 14.91
C TYR A 163 -17.56 -37.41 13.83
N SER A 164 -17.99 -38.60 14.23
CA SER A 164 -18.16 -39.72 13.32
C SER A 164 -19.62 -40.16 13.35
N LEU A 165 -20.24 -40.24 12.18
CA LEU A 165 -21.64 -40.58 12.04
C LEU A 165 -21.78 -42.01 11.55
N LEU A 166 -22.56 -42.81 12.26
CA LEU A 166 -22.79 -44.21 11.91
C LEU A 166 -24.27 -44.42 11.66
N VAL A 167 -24.59 -45.00 10.51
CA VAL A 167 -25.96 -45.32 10.13
C VAL A 167 -26.04 -46.82 9.84
N LYS A 168 -26.99 -47.50 10.48
CA LYS A 168 -27.14 -48.94 10.32
C LYS A 168 -28.62 -49.29 10.46
N ASN A 169 -28.97 -50.47 9.95
CA ASN A 169 -30.34 -50.95 9.99
C ASN A 169 -30.62 -51.67 11.30
N ILE A 170 -31.66 -51.25 12.00
CA ILE A 170 -32.04 -51.86 13.26
C ILE A 170 -33.48 -52.37 13.18
N GLU A 176 -36.77 -49.59 12.52
CA GLU A 176 -36.41 -49.22 11.16
C GLU A 176 -34.91 -48.97 11.04
N ILE A 177 -34.55 -47.76 10.63
CA ILE A 177 -33.15 -47.36 10.47
C ILE A 177 -32.95 -46.06 11.25
N ALA A 178 -31.90 -46.03 12.07
CA ALA A 178 -31.60 -44.88 12.90
C ALA A 178 -30.11 -44.57 12.83
N CYS A 179 -29.78 -43.28 12.84
CA CYS A 179 -28.39 -42.83 12.76
C CYS A 179 -27.99 -42.19 14.09
N ASP A 180 -26.83 -42.60 14.60
CA ASP A 180 -26.31 -42.09 15.86
C ASP A 180 -25.00 -41.36 15.59
N LEU A 181 -24.86 -40.16 16.16
CA LEU A 181 -23.68 -39.33 15.96
C LEU A 181 -22.76 -39.46 17.15
N ALA A 182 -21.50 -39.78 16.89
CA ALA A 182 -20.51 -40.02 17.93
C ALA A 182 -19.37 -39.02 17.83
N VAL A 183 -18.76 -38.71 18.96
CA VAL A 183 -17.66 -37.76 19.06
C VAL A 183 -16.39 -38.54 19.31
N ASN A 184 -15.53 -38.64 18.29
CA ASN A 184 -14.25 -39.31 18.47
C ASN A 184 -13.28 -38.46 19.28
N GLU A 185 -13.24 -37.15 19.00
CA GLU A 185 -12.40 -36.23 19.75
C GLU A 185 -13.21 -34.99 20.09
N ASP A 186 -13.19 -34.61 21.36
CA ASP A 186 -13.99 -33.47 21.81
C ASP A 186 -13.48 -32.19 21.16
N PRO A 187 -14.37 -31.26 20.81
CA PRO A 187 -13.93 -30.00 20.22
C PRO A 187 -13.24 -29.12 21.25
N VAL A 188 -12.45 -28.18 20.74
CA VAL A 188 -11.71 -27.24 21.57
C VAL A 188 -12.16 -25.83 21.18
N ASP A 189 -13.17 -25.32 21.89
CA ASP A 189 -13.67 -23.97 21.62
C ASP A 189 -14.35 -23.47 22.89
N SER A 190 -13.65 -22.62 23.64
CA SER A 190 -14.18 -22.07 24.88
C SER A 190 -13.41 -20.83 25.31
N ARG A 267 -15.21 20.88 23.51
CA ARG A 267 -16.64 20.99 23.28
C ARG A 267 -17.42 20.20 24.32
N LEU A 268 -18.38 19.40 23.85
CA LEU A 268 -19.14 18.54 24.75
C LEU A 268 -18.33 17.32 25.18
N ARG A 269 -17.54 16.77 24.25
CA ARG A 269 -16.62 15.65 24.47
C ARG A 269 -17.36 14.34 24.66
N SER A 270 -18.68 14.41 24.84
CA SER A 270 -19.49 13.19 24.81
C SER A 270 -19.66 12.71 23.38
N VAL A 271 -19.91 13.63 22.46
CA VAL A 271 -19.92 13.30 21.03
C VAL A 271 -18.55 12.78 20.61
N ASP A 272 -17.48 13.38 21.12
CA ASP A 272 -16.14 12.92 20.79
C ASP A 272 -15.91 11.50 21.30
N THR A 273 -16.33 11.20 22.52
CA THR A 273 -16.20 9.84 23.04
C THR A 273 -17.01 8.86 22.22
N PHE A 274 -18.23 9.24 21.85
CA PHE A 274 -19.08 8.38 21.02
C PHE A 274 -18.39 8.06 19.71
N ARG A 275 -17.90 9.10 19.02
CA ARG A 275 -17.26 8.89 17.73
C ARG A 275 -15.99 8.07 17.86
N GLY A 276 -15.25 8.26 18.96
CA GLY A 276 -14.06 7.45 19.17
C GLY A 276 -14.39 5.98 19.36
N ILE A 277 -15.43 5.69 20.14
CA ILE A 277 -15.83 4.30 20.34
C ILE A 277 -16.27 3.69 19.02
N ALA A 278 -17.07 4.42 18.25
CA ALA A 278 -17.52 3.92 16.95
C ALA A 278 -16.35 3.67 16.02
N LEU A 279 -15.38 4.59 15.99
CA LEU A 279 -14.22 4.43 15.12
C LEU A 279 -13.37 3.24 15.53
N ILE A 280 -13.15 3.06 16.83
CA ILE A 280 -12.33 1.95 17.28
C ILE A 280 -13.01 0.63 16.95
N LEU A 281 -14.32 0.55 17.17
CA LEU A 281 -15.04 -0.66 16.81
C LEU A 281 -14.98 -0.91 15.31
N MET A 282 -15.09 0.16 14.51
CA MET A 282 -15.01 0.01 13.06
C MET A 282 -13.64 -0.49 12.62
N VAL A 283 -12.57 0.05 13.22
CA VAL A 283 -11.23 -0.37 12.85
C VAL A 283 -11.01 -1.83 13.26
N PHE A 284 -11.53 -2.22 14.42
CA PHE A 284 -11.41 -3.62 14.84
C PHE A 284 -12.13 -4.54 13.88
N VAL A 285 -13.38 -4.22 13.53
CA VAL A 285 -14.16 -5.13 12.70
C VAL A 285 -13.73 -5.10 11.24
N ASN A 286 -13.03 -4.06 10.81
CA ASN A 286 -12.54 -4.05 9.43
C ASN A 286 -11.32 -4.93 9.26
N TYR A 287 -10.45 -4.99 10.28
CA TYR A 287 -9.28 -5.85 10.21
C TYR A 287 -9.62 -7.32 10.26
N GLY A 288 -10.86 -7.67 10.60
CA GLY A 288 -11.27 -9.05 10.66
C GLY A 288 -11.90 -9.41 11.99
N GLY A 289 -11.36 -8.86 13.07
CA GLY A 289 -11.87 -9.17 14.39
C GLY A 289 -11.67 -10.62 14.78
N GLY A 290 -10.53 -11.20 14.42
CA GLY A 290 -10.28 -12.59 14.73
C GLY A 290 -11.02 -13.57 13.86
N LYS A 291 -11.59 -13.11 12.74
CA LYS A 291 -12.37 -13.95 11.83
C LYS A 291 -13.59 -14.56 12.51
N TYR A 292 -14.05 -13.97 13.60
CA TYR A 292 -15.24 -14.46 14.27
C TYR A 292 -16.49 -14.16 13.44
N TRP A 293 -17.50 -15.00 13.62
CA TRP A 293 -18.73 -14.82 12.85
C TRP A 293 -19.54 -13.62 13.31
N TYR A 294 -19.48 -13.29 14.61
CA TYR A 294 -20.21 -12.15 15.13
C TYR A 294 -19.42 -10.86 15.11
N PHE A 295 -18.15 -10.90 14.73
CA PHE A 295 -17.35 -9.71 14.53
C PHE A 295 -17.22 -9.33 13.06
N LYS A 296 -17.91 -10.04 12.18
CA LYS A 296 -18.01 -9.71 10.77
C LYS A 296 -19.43 -9.32 10.43
N HIS A 297 -19.62 -8.79 9.22
CA HIS A 297 -20.93 -8.32 8.80
C HIS A 297 -21.91 -9.48 8.72
N ALA A 298 -23.17 -9.16 8.99
CA ALA A 298 -24.23 -10.18 8.92
C ALA A 298 -24.36 -10.68 7.49
N SER A 299 -24.80 -11.94 7.35
CA SER A 299 -24.89 -12.55 6.03
C SER A 299 -25.87 -11.78 5.15
N TRP A 300 -27.16 -11.85 5.46
CA TRP A 300 -28.13 -10.94 4.87
C TRP A 300 -28.90 -10.13 5.90
N ASN A 301 -29.53 -10.79 6.86
CA ASN A 301 -30.35 -10.14 7.87
C ASN A 301 -29.69 -10.31 9.23
N GLY A 302 -30.39 -9.88 10.27
CA GLY A 302 -29.85 -9.96 11.61
C GLY A 302 -28.94 -8.78 11.89
N LEU A 303 -28.34 -8.81 13.08
CA LEU A 303 -27.56 -7.67 13.56
C LEU A 303 -26.39 -8.20 14.39
N THR A 304 -25.21 -8.24 13.79
CA THR A 304 -23.99 -8.60 14.48
C THR A 304 -23.25 -7.34 14.93
N VAL A 305 -22.26 -7.54 15.79
CA VAL A 305 -21.56 -6.41 16.39
C VAL A 305 -20.83 -5.58 15.33
N ALA A 306 -20.46 -6.19 14.21
CA ALA A 306 -19.79 -5.45 13.16
C ALA A 306 -20.75 -4.56 12.37
N ASP A 307 -22.05 -4.78 12.50
CA ASP A 307 -23.02 -3.95 11.79
C ASP A 307 -23.34 -2.65 12.51
N LEU A 308 -22.95 -2.52 13.78
CA LEU A 308 -23.28 -1.33 14.56
C LEU A 308 -22.23 -0.23 14.46
N VAL A 309 -21.09 -0.49 13.81
CA VAL A 309 -20.00 0.48 13.84
C VAL A 309 -20.30 1.67 12.95
N PHE A 310 -20.90 1.44 11.78
CA PHE A 310 -21.08 2.51 10.81
C PHE A 310 -22.27 3.41 11.11
N PRO A 311 -23.46 2.87 11.40
CA PRO A 311 -24.60 3.77 11.68
C PRO A 311 -24.36 4.72 12.82
N TRP A 312 -23.66 4.28 13.87
CA TRP A 312 -23.33 5.18 14.97
C TRP A 312 -22.39 6.28 14.49
N PHE A 313 -21.45 5.93 13.61
CA PHE A 313 -20.56 6.95 13.05
C PHE A 313 -21.35 7.99 12.26
N VAL A 314 -22.31 7.55 11.44
CA VAL A 314 -23.09 8.50 10.66
C VAL A 314 -23.95 9.37 11.57
N PHE A 315 -24.56 8.76 12.59
CA PHE A 315 -25.34 9.51 13.57
C PHE A 315 -24.52 10.61 14.22
N ILE A 316 -23.34 10.25 14.74
CA ILE A 316 -22.50 11.23 15.41
C ILE A 316 -21.97 12.26 14.42
N MET A 317 -21.69 11.85 13.18
CA MET A 317 -21.26 12.81 12.17
C MET A 317 -22.33 13.86 11.91
N GLY A 318 -23.59 13.44 11.82
CA GLY A 318 -24.66 14.40 11.65
C GLY A 318 -24.80 15.35 12.83
N SER A 319 -24.76 14.79 14.05
CA SER A 319 -24.80 15.64 15.23
C SER A 319 -23.65 16.64 15.24
N SER A 320 -22.46 16.20 14.82
CA SER A 320 -21.31 17.10 14.76
C SER A 320 -21.50 18.19 13.71
N ILE A 321 -22.09 17.85 12.57
CA ILE A 321 -22.39 18.91 11.59
C ILE A 321 -23.29 19.95 12.23
N PHE A 322 -24.35 19.53 12.91
CA PHE A 322 -25.26 20.51 13.49
C PHE A 322 -24.54 21.37 14.52
N LEU A 323 -23.79 20.74 15.43
CA LEU A 323 -23.10 21.48 16.48
C LEU A 323 -22.10 22.47 15.89
N SER A 324 -21.25 22.02 14.97
CA SER A 324 -20.24 22.89 14.39
C SER A 324 -20.86 24.03 13.60
N MET A 325 -21.89 23.73 12.80
CA MET A 325 -22.46 24.78 11.96
C MET A 325 -23.20 25.81 12.81
N THR A 326 -23.92 25.36 13.85
CA THR A 326 -24.60 26.34 14.69
C THR A 326 -23.60 27.17 15.49
N SER A 327 -22.48 26.57 15.91
CA SER A 327 -21.45 27.36 16.57
C SER A 327 -20.87 28.42 15.63
N ILE A 328 -20.59 28.03 14.38
CA ILE A 328 -20.03 28.98 13.42
C ILE A 328 -21.02 30.09 13.12
N LEU A 329 -22.30 29.74 12.92
CA LEU A 329 -23.31 30.75 12.64
C LEU A 329 -23.50 31.70 13.82
N GLN A 330 -23.52 31.16 15.04
CA GLN A 330 -23.65 32.02 16.21
C GLN A 330 -22.46 32.97 16.34
N ARG A 331 -21.25 32.46 16.09
CA ARG A 331 -20.08 33.33 16.18
C ARG A 331 -20.08 34.39 15.09
N GLY A 332 -20.73 34.11 13.96
CA GLY A 332 -20.87 35.10 12.91
C GLY A 332 -20.11 34.76 11.65
N CYS A 333 -20.81 34.26 10.63
CA CYS A 333 -20.18 33.90 9.37
C CYS A 333 -21.23 33.90 8.28
N SER A 334 -20.78 34.14 7.04
CA SER A 334 -21.67 34.13 5.90
C SER A 334 -22.04 32.70 5.54
N LYS A 335 -23.24 32.54 4.95
CA LYS A 335 -23.70 31.22 4.56
C LYS A 335 -23.03 30.73 3.28
N PHE A 336 -22.68 31.64 2.37
CA PHE A 336 -22.09 31.22 1.10
C PHE A 336 -20.74 30.56 1.31
N ARG A 337 -19.90 31.14 2.16
CA ARG A 337 -18.59 30.53 2.44
C ARG A 337 -18.77 29.17 3.11
N LEU A 338 -19.74 29.07 4.01
CA LEU A 338 -20.01 27.79 4.67
C LEU A 338 -20.44 26.74 3.66
N LEU A 339 -21.33 27.10 2.74
CA LEU A 339 -21.79 26.14 1.73
C LEU A 339 -20.65 25.74 0.81
N GLY A 340 -19.79 26.68 0.44
CA GLY A 340 -18.63 26.34 -0.37
C GLY A 340 -17.69 25.38 0.35
N LYS A 341 -17.45 25.61 1.64
CA LYS A 341 -16.59 24.72 2.40
C LYS A 341 -17.21 23.34 2.52
N ILE A 342 -18.53 23.28 2.73
CA ILE A 342 -19.23 22.00 2.81
C ILE A 342 -19.10 21.23 1.50
N ALA A 343 -19.31 21.92 0.37
CA ALA A 343 -19.19 21.27 -0.92
C ALA A 343 -17.77 20.76 -1.15
N TRP A 344 -16.77 21.56 -0.80
CA TRP A 344 -15.39 21.12 -0.96
C TRP A 344 -15.10 19.90 -0.10
N ARG A 345 -15.57 19.91 1.15
CA ARG A 345 -15.32 18.76 2.03
C ARG A 345 -15.98 17.50 1.50
N SER A 346 -17.21 17.62 1.02
CA SER A 346 -17.90 16.45 0.47
C SER A 346 -17.20 15.92 -0.76
N PHE A 347 -16.80 16.81 -1.68
CA PHE A 347 -16.11 16.36 -2.88
C PHE A 347 -14.77 15.72 -2.53
N LEU A 348 -14.05 16.29 -1.57
CA LEU A 348 -12.79 15.72 -1.14
C LEU A 348 -12.98 14.34 -0.54
N LEU A 349 -14.02 14.16 0.26
CA LEU A 349 -14.31 12.84 0.83
C LEU A 349 -14.63 11.83 -0.27
N ILE A 350 -15.43 12.22 -1.25
CA ILE A 350 -15.80 11.30 -2.32
C ILE A 350 -14.56 10.89 -3.12
N CYS A 351 -13.72 11.87 -3.48
CA CYS A 351 -12.52 11.56 -4.25
C CYS A 351 -11.56 10.69 -3.45
N ILE A 352 -11.38 11.00 -2.16
CA ILE A 352 -10.51 10.17 -1.32
C ILE A 352 -11.01 8.74 -1.29
N GLY A 353 -12.31 8.56 -1.06
CA GLY A 353 -12.86 7.22 -1.05
C GLY A 353 -12.59 6.49 -2.34
N ILE A 354 -12.98 7.11 -3.46
CA ILE A 354 -12.92 6.44 -4.75
C ILE A 354 -11.48 6.06 -5.09
N ILE A 355 -10.54 6.97 -4.85
CA ILE A 355 -9.17 6.74 -5.32
C ILE A 355 -8.40 5.85 -4.35
N ILE A 356 -8.51 6.11 -3.05
CA ILE A 356 -7.65 5.48 -2.06
C ILE A 356 -8.34 4.29 -1.39
N VAL A 357 -9.57 4.47 -0.91
CA VAL A 357 -10.12 3.53 0.05
C VAL A 357 -10.67 2.29 -0.65
N ASN A 358 -11.62 2.47 -1.56
CA ASN A 358 -12.33 1.33 -2.14
C ASN A 358 -11.42 0.38 -2.92
N PRO A 359 -10.60 0.83 -3.87
CA PRO A 359 -9.86 -0.13 -4.68
C PRO A 359 -8.66 -0.70 -3.95
N ASN A 360 -8.34 -1.94 -4.29
CA ASN A 360 -7.14 -2.62 -3.81
C ASN A 360 -6.11 -2.61 -4.93
N TYR A 361 -4.92 -2.08 -4.64
CA TYR A 361 -3.91 -1.89 -5.67
C TYR A 361 -2.88 -3.00 -5.73
N CYS A 362 -2.85 -3.90 -4.75
CA CYS A 362 -1.88 -4.98 -4.77
C CYS A 362 -2.19 -5.98 -5.89
N LEU A 363 -3.47 -6.20 -6.19
CA LEU A 363 -3.83 -7.10 -7.28
C LEU A 363 -3.52 -6.51 -8.65
N GLY A 364 -3.21 -5.21 -8.73
CA GLY A 364 -2.85 -4.59 -9.99
C GLY A 364 -3.16 -3.11 -10.00
N PRO A 365 -2.66 -2.40 -11.01
CA PRO A 365 -2.98 -0.98 -11.14
C PRO A 365 -4.45 -0.77 -11.45
N LEU A 366 -4.95 0.40 -11.07
CA LEU A 366 -6.36 0.73 -11.24
C LEU A 366 -6.73 0.73 -12.72
N SER A 367 -7.85 0.07 -13.04
CA SER A 367 -8.39 0.04 -14.38
C SER A 367 -9.83 0.53 -14.34
N TRP A 368 -10.18 1.44 -15.24
CA TRP A 368 -11.49 2.08 -15.19
C TRP A 368 -12.63 1.09 -15.37
N ASP A 369 -12.39 -0.02 -16.08
CA ASP A 369 -13.44 -0.98 -16.33
C ASP A 369 -13.86 -1.74 -15.07
N LYS A 370 -13.04 -1.71 -14.02
CA LYS A 370 -13.31 -2.46 -12.80
C LYS A 370 -13.06 -1.59 -11.57
N VAL A 371 -13.58 -0.37 -11.59
CA VAL A 371 -13.46 0.56 -10.47
C VAL A 371 -14.74 0.52 -9.67
N ARG A 372 -14.64 0.26 -8.38
CA ARG A 372 -15.80 0.21 -7.50
C ARG A 372 -16.15 1.64 -7.08
N ILE A 373 -17.27 2.14 -7.58
CA ILE A 373 -17.69 3.52 -7.30
C ILE A 373 -18.30 3.63 -5.90
N PRO A 374 -19.33 2.86 -5.55
CA PRO A 374 -19.93 3.02 -4.22
C PRO A 374 -19.00 2.50 -3.14
N GLY A 375 -19.15 3.06 -1.94
CA GLY A 375 -18.34 2.62 -0.82
C GLY A 375 -18.66 3.43 0.41
N VAL A 376 -17.86 3.20 1.46
CA VAL A 376 -18.13 3.82 2.75
C VAL A 376 -17.91 5.33 2.70
N LEU A 377 -16.79 5.76 2.11
CA LEU A 377 -16.46 7.19 2.16
C LEU A 377 -17.28 8.00 1.16
N GLN A 378 -17.60 7.44 -0.01
CA GLN A 378 -18.48 8.15 -0.92
C GLN A 378 -19.85 8.37 -0.29
N ARG A 379 -20.39 7.34 0.35
CA ARG A 379 -21.65 7.47 1.06
C ARG A 379 -21.55 8.50 2.17
N LEU A 380 -20.46 8.44 2.95
CA LEU A 380 -20.25 9.43 4.01
C LEU A 380 -20.29 10.84 3.46
N GLY A 381 -19.55 11.09 2.36
CA GLY A 381 -19.52 12.41 1.79
C GLY A 381 -20.87 12.87 1.25
N VAL A 382 -21.60 11.95 0.61
CA VAL A 382 -22.89 12.32 0.03
C VAL A 382 -23.90 12.70 1.11
N THR A 383 -24.01 11.87 2.16
CA THR A 383 -24.92 12.23 3.24
C THR A 383 -24.46 13.47 3.97
N TYR A 384 -23.15 13.64 4.15
CA TYR A 384 -22.64 14.88 4.73
C TYR A 384 -23.15 16.08 3.94
N PHE A 385 -22.93 16.06 2.62
CA PHE A 385 -23.34 17.20 1.80
C PHE A 385 -24.84 17.44 1.92
N VAL A 386 -25.65 16.39 1.78
CA VAL A 386 -27.10 16.58 1.73
C VAL A 386 -27.61 17.12 3.06
N VAL A 387 -27.24 16.46 4.17
CA VAL A 387 -27.78 16.86 5.46
C VAL A 387 -27.25 18.23 5.88
N ALA A 388 -25.98 18.52 5.58
CA ALA A 388 -25.42 19.82 5.92
C ALA A 388 -26.10 20.92 5.13
N VAL A 389 -26.33 20.70 3.83
CA VAL A 389 -27.01 21.71 3.01
C VAL A 389 -28.42 21.95 3.52
N LEU A 390 -29.16 20.88 3.83
CA LEU A 390 -30.52 21.05 4.34
C LEU A 390 -30.51 21.85 5.63
N GLU A 391 -29.68 21.44 6.60
CA GLU A 391 -29.70 22.08 7.90
C GLU A 391 -29.18 23.52 7.81
N LEU A 392 -28.31 23.81 6.84
CA LEU A 392 -27.83 25.16 6.66
C LEU A 392 -28.90 26.05 6.03
N LEU A 393 -29.62 25.52 5.04
CA LEU A 393 -30.69 26.30 4.42
C LEU A 393 -31.79 26.61 5.43
N PHE A 394 -32.15 25.64 6.27
CA PHE A 394 -33.17 25.85 7.28
C PHE A 394 -32.49 25.84 8.65
N ALA A 395 -31.99 27.00 9.06
CA ALA A 395 -31.29 27.15 10.34
C ALA A 395 -31.77 28.41 11.02
N LYS A 396 -32.50 28.25 12.11
CA LYS A 396 -32.98 29.39 12.87
C LYS A 396 -32.18 29.55 14.17
N PRO A 397 -32.04 30.78 14.67
CA PRO A 397 -31.28 30.98 15.91
C PRO A 397 -31.93 30.26 17.08
N VAL A 398 -31.10 29.81 18.01
CA VAL A 398 -31.57 29.05 19.17
C VAL A 398 -32.40 29.95 20.07
N PRO A 399 -33.40 29.42 20.78
CA PRO A 399 -34.23 30.22 21.69
C PRO A 399 -33.63 30.34 23.09
N SER A 410 -41.85 21.56 26.57
CA SER A 410 -41.61 22.49 25.48
C SER A 410 -41.13 21.77 24.22
N LEU A 411 -42.01 21.68 23.23
CA LEU A 411 -41.69 21.03 21.96
C LEU A 411 -41.17 22.06 20.95
N ARG A 412 -40.10 22.72 21.33
CA ARG A 412 -39.54 23.81 20.54
C ARG A 412 -38.42 23.38 19.61
N ASP A 413 -38.05 22.09 19.61
CA ASP A 413 -37.01 21.60 18.72
C ASP A 413 -37.56 20.90 17.48
N ILE A 414 -38.88 20.89 17.30
CA ILE A 414 -39.52 20.34 16.11
C ILE A 414 -40.30 21.41 15.35
N THR A 415 -40.97 22.31 16.07
CA THR A 415 -41.62 23.43 15.41
C THR A 415 -40.62 24.34 14.72
N SER A 416 -39.35 24.30 15.11
CA SER A 416 -38.30 25.06 14.46
C SER A 416 -37.54 24.24 13.42
N SER A 417 -37.98 23.02 13.16
CA SER A 417 -37.30 22.14 12.22
C SER A 417 -38.25 21.44 11.26
N TRP A 418 -39.53 21.75 11.31
CA TRP A 418 -40.53 21.11 10.44
C TRP A 418 -40.20 21.09 8.95
N PRO A 419 -39.49 22.09 8.36
CA PRO A 419 -39.15 21.94 6.94
C PRO A 419 -38.27 20.74 6.62
N GLN A 420 -37.13 20.63 7.30
CA GLN A 420 -36.26 19.49 7.06
C GLN A 420 -36.91 18.19 7.52
N TRP A 421 -37.79 18.25 8.52
CA TRP A 421 -38.52 17.05 8.91
C TRP A 421 -39.44 16.58 7.79
N LEU A 422 -40.14 17.53 7.14
CA LEU A 422 -40.99 17.17 6.01
C LEU A 422 -40.16 16.62 4.86
N LEU A 423 -38.99 17.21 4.60
CA LEU A 423 -38.13 16.69 3.54
C LEU A 423 -37.64 15.28 3.86
N ILE A 424 -37.29 15.02 5.13
CA ILE A 424 -36.84 13.68 5.51
C ILE A 424 -37.97 12.68 5.39
N LEU A 425 -39.18 13.07 5.77
CA LEU A 425 -40.33 12.17 5.60
C LEU A 425 -40.58 11.89 4.12
N VAL A 426 -40.41 12.89 3.26
CA VAL A 426 -40.59 12.68 1.83
C VAL A 426 -39.55 11.69 1.31
N LEU A 427 -38.29 11.84 1.74
CA LEU A 427 -37.25 10.91 1.31
C LEU A 427 -37.54 9.50 1.80
N GLU A 428 -38.00 9.35 3.04
CA GLU A 428 -38.30 8.02 3.56
C GLU A 428 -39.46 7.39 2.81
N GLY A 429 -40.49 8.18 2.50
CA GLY A 429 -41.58 7.67 1.70
C GLY A 429 -41.11 7.24 0.32
N LEU A 430 -40.21 8.01 -0.28
CA LEU A 430 -39.66 7.64 -1.59
C LEU A 430 -38.91 6.32 -1.50
N TRP A 431 -38.11 6.15 -0.45
CA TRP A 431 -37.38 4.89 -0.28
C TRP A 431 -38.33 3.71 -0.13
N LEU A 432 -39.36 3.88 0.70
CA LEU A 432 -40.33 2.79 0.89
C LEU A 432 -41.03 2.45 -0.42
N GLY A 433 -41.46 3.48 -1.16
CA GLY A 433 -42.13 3.23 -2.41
C GLY A 433 -41.24 2.52 -3.41
N LEU A 434 -39.99 2.97 -3.54
CA LEU A 434 -39.08 2.34 -4.49
C LEU A 434 -38.80 0.90 -4.11
N THR A 435 -38.58 0.63 -2.82
CA THR A 435 -38.25 -0.74 -2.41
C THR A 435 -39.43 -1.67 -2.60
N PHE A 436 -40.63 -1.26 -2.17
CA PHE A 436 -41.77 -2.17 -2.12
C PHE A 436 -42.68 -2.10 -3.34
N LEU A 437 -42.41 -1.23 -4.31
CA LEU A 437 -43.32 -1.06 -5.43
C LEU A 437 -42.67 -1.04 -6.80
N LEU A 438 -41.39 -0.72 -6.92
CA LEU A 438 -40.77 -0.60 -8.23
C LEU A 438 -40.61 -1.98 -8.86
N PRO A 439 -41.23 -2.26 -10.00
CA PRO A 439 -41.06 -3.57 -10.63
C PRO A 439 -39.63 -3.76 -11.14
N VAL A 440 -39.19 -5.00 -11.11
CA VAL A 440 -37.84 -5.37 -11.55
C VAL A 440 -37.96 -6.49 -12.57
N PRO A 441 -37.25 -6.41 -13.70
CA PRO A 441 -37.36 -7.47 -14.71
C PRO A 441 -36.88 -8.81 -14.17
N GLY A 442 -37.73 -9.82 -14.31
CA GLY A 442 -37.37 -11.17 -13.88
C GLY A 442 -37.13 -11.30 -12.40
N CYS A 443 -37.92 -10.59 -11.58
CA CYS A 443 -37.71 -10.61 -10.14
C CYS A 443 -38.99 -10.14 -9.47
N PRO A 444 -39.43 -10.77 -8.38
CA PRO A 444 -40.67 -10.33 -7.73
C PRO A 444 -40.57 -8.90 -7.26
N THR A 445 -41.69 -8.19 -7.37
CA THR A 445 -41.73 -6.80 -6.94
C THR A 445 -41.69 -6.72 -5.42
N GLY A 446 -40.99 -5.70 -4.91
CA GLY A 446 -40.86 -5.55 -3.47
C GLY A 446 -40.09 -6.68 -2.82
N TYR A 447 -38.99 -7.10 -3.43
CA TYR A 447 -38.20 -8.22 -2.93
C TYR A 447 -37.15 -7.73 -1.93
N LEU A 448 -36.85 -8.61 -0.96
CA LEU A 448 -35.85 -8.31 0.05
C LEU A 448 -34.88 -9.47 0.30
N GLY A 449 -35.16 -10.66 -0.22
CA GLY A 449 -34.35 -11.82 0.08
C GLY A 449 -32.98 -11.76 -0.57
N PRO A 450 -32.05 -12.56 -0.03
CA PRO A 450 -30.67 -12.51 -0.54
C PRO A 450 -30.46 -13.23 -1.85
N GLY A 451 -31.48 -13.89 -2.40
CA GLY A 451 -31.29 -14.58 -3.66
C GLY A 451 -30.40 -15.80 -3.50
N GLY A 452 -29.69 -16.14 -4.56
CA GLY A 452 -28.80 -17.29 -4.55
C GLY A 452 -29.54 -18.57 -4.24
N ILE A 453 -29.32 -19.12 -3.04
CA ILE A 453 -30.10 -20.24 -2.55
C ILE A 453 -31.14 -19.81 -1.52
N GLY A 454 -31.25 -18.52 -1.24
CA GLY A 454 -32.28 -18.04 -0.34
C GLY A 454 -33.66 -18.10 -0.98
N ASP A 455 -34.67 -18.11 -0.11
CA ASP A 455 -36.07 -18.21 -0.52
C ASP A 455 -36.28 -19.43 -1.43
N PHE A 456 -35.70 -20.55 -1.02
CA PHE A 456 -35.78 -21.82 -1.73
C PHE A 456 -35.17 -21.74 -3.13
N GLY A 457 -34.31 -20.75 -3.37
CA GLY A 457 -33.63 -20.66 -4.65
C GLY A 457 -34.52 -20.35 -5.82
N LYS A 458 -35.72 -19.83 -5.60
CA LYS A 458 -36.61 -19.48 -6.69
C LYS A 458 -36.19 -18.23 -7.42
N TYR A 459 -35.39 -17.36 -6.78
CA TYR A 459 -34.91 -16.12 -7.39
C TYR A 459 -33.40 -16.08 -7.24
N PRO A 460 -32.67 -16.70 -8.17
CA PRO A 460 -31.20 -16.76 -8.02
C PRO A 460 -30.52 -15.40 -8.06
N ASN A 461 -30.73 -14.63 -9.12
CA ASN A 461 -30.08 -13.33 -9.27
C ASN A 461 -31.05 -12.21 -8.86
N CYS A 462 -31.35 -12.17 -7.57
CA CYS A 462 -32.25 -11.17 -7.02
C CYS A 462 -31.75 -10.64 -5.70
N THR A 463 -30.46 -10.34 -5.61
CA THR A 463 -29.91 -9.80 -4.37
C THR A 463 -30.43 -8.38 -4.16
N GLY A 464 -30.97 -8.13 -2.97
CA GLY A 464 -31.44 -6.81 -2.60
C GLY A 464 -32.72 -6.36 -3.26
N GLY A 465 -33.08 -6.94 -4.40
CA GLY A 465 -34.31 -6.56 -5.07
C GLY A 465 -34.25 -5.20 -5.74
N ALA A 466 -35.09 -4.28 -5.27
CA ALA A 466 -35.20 -2.97 -5.92
C ALA A 466 -33.90 -2.18 -5.81
N ALA A 467 -33.26 -2.20 -4.63
CA ALA A 467 -32.02 -1.45 -4.45
C ALA A 467 -30.91 -1.99 -5.35
N GLY A 468 -30.77 -3.31 -5.39
CA GLY A 468 -29.77 -3.91 -6.25
C GLY A 468 -30.03 -3.62 -7.72
N TYR A 469 -31.29 -3.70 -8.14
CA TYR A 469 -31.61 -3.42 -9.53
C TYR A 469 -31.34 -1.98 -9.90
N ILE A 470 -31.72 -1.04 -9.04
CA ILE A 470 -31.49 0.38 -9.32
C ILE A 470 -29.99 0.66 -9.39
N ASP A 471 -29.22 0.12 -8.45
CA ASP A 471 -27.78 0.35 -8.44
C ASP A 471 -27.16 -0.24 -9.71
N ARG A 472 -27.55 -1.47 -10.08
CA ARG A 472 -27.01 -2.09 -11.27
C ARG A 472 -27.37 -1.31 -12.53
N LEU A 473 -28.60 -0.80 -12.60
CA LEU A 473 -29.03 -0.03 -13.76
C LEU A 473 -28.23 1.27 -13.89
N LEU A 474 -28.06 1.99 -12.78
CA LEU A 474 -27.40 3.29 -12.86
C LEU A 474 -25.90 3.17 -13.05
N LEU A 475 -25.25 2.25 -12.34
CA LEU A 475 -23.79 2.19 -12.31
C LEU A 475 -23.22 1.05 -13.14
N GLY A 476 -23.95 -0.04 -13.32
CA GLY A 476 -23.41 -1.17 -14.05
C GLY A 476 -22.88 -2.23 -13.12
N ASP A 477 -22.84 -3.48 -13.61
CA ASP A 477 -22.40 -4.59 -12.79
C ASP A 477 -20.91 -4.52 -12.49
N ASP A 478 -20.12 -3.92 -13.38
CA ASP A 478 -18.67 -3.93 -13.21
C ASP A 478 -18.22 -2.99 -12.10
N HIS A 479 -18.96 -1.91 -11.86
CA HIS A 479 -18.55 -0.89 -10.91
C HIS A 479 -19.02 -1.15 -9.49
N LEU A 480 -19.27 -2.41 -9.13
CA LEU A 480 -19.88 -2.74 -7.85
C LEU A 480 -18.97 -3.64 -7.02
N TYR A 481 -19.37 -3.82 -5.77
CA TYR A 481 -18.67 -4.71 -4.85
C TYR A 481 -18.89 -6.15 -5.29
N GLN A 482 -17.82 -6.83 -5.69
CA GLN A 482 -17.92 -8.14 -6.29
C GLN A 482 -18.10 -9.27 -5.29
N HIS A 483 -17.83 -9.02 -4.01
CA HIS A 483 -17.93 -10.05 -2.96
C HIS A 483 -18.83 -9.55 -1.85
N PRO A 484 -20.14 -9.53 -2.09
CA PRO A 484 -21.06 -9.02 -1.06
C PRO A 484 -21.09 -9.93 0.16
N SER A 485 -21.76 -9.44 1.21
CA SER A 485 -21.78 -10.17 2.47
C SER A 485 -22.50 -11.51 2.35
N SER A 486 -23.47 -11.61 1.44
CA SER A 486 -24.24 -12.84 1.29
C SER A 486 -23.53 -13.91 0.47
N ALA A 487 -22.37 -13.60 -0.10
CA ALA A 487 -21.70 -14.56 -0.97
C ALA A 487 -21.24 -15.79 -0.20
N VAL A 488 -20.80 -15.61 1.05
CA VAL A 488 -20.23 -16.72 1.79
C VAL A 488 -21.30 -17.75 2.15
N LEU A 489 -22.51 -17.29 2.47
CA LEU A 489 -23.55 -18.16 3.00
C LEU A 489 -24.60 -18.53 1.96
N TYR A 490 -25.15 -17.56 1.25
CA TYR A 490 -26.26 -17.79 0.35
C TYR A 490 -25.83 -18.16 -1.06
N HIS A 491 -24.53 -18.21 -1.34
CA HIS A 491 -23.99 -18.67 -2.62
C HIS A 491 -24.59 -17.88 -3.78
N THR A 492 -24.33 -16.57 -3.80
CA THR A 492 -24.81 -15.69 -4.84
C THR A 492 -23.65 -15.26 -5.73
N GLU A 493 -23.92 -15.15 -7.03
CA GLU A 493 -22.88 -14.80 -7.99
C GLU A 493 -22.93 -13.34 -8.43
N VAL A 494 -24.10 -12.69 -8.34
CA VAL A 494 -24.19 -11.30 -8.75
C VAL A 494 -23.48 -10.41 -7.75
N ALA A 495 -23.24 -9.17 -8.14
CA ALA A 495 -22.50 -8.20 -7.34
C ALA A 495 -23.46 -7.19 -6.75
N TYR A 496 -23.34 -6.95 -5.45
CA TYR A 496 -24.18 -6.00 -4.74
C TYR A 496 -23.31 -5.19 -3.79
N ASP A 497 -23.38 -3.85 -3.91
CA ASP A 497 -22.59 -2.98 -3.07
C ASP A 497 -23.43 -2.54 -1.87
N PRO A 498 -23.01 -2.83 -0.64
CA PRO A 498 -23.81 -2.42 0.52
C PRO A 498 -24.03 -0.92 0.60
N GLU A 499 -23.06 -0.13 0.16
CA GLU A 499 -23.19 1.33 0.15
C GLU A 499 -23.74 1.81 -1.19
N GLY A 500 -24.90 1.26 -1.57
CA GLY A 500 -25.48 1.50 -2.87
C GLY A 500 -26.10 2.88 -3.00
N ILE A 501 -27.16 2.97 -3.79
CA ILE A 501 -27.85 4.23 -4.03
C ILE A 501 -29.10 4.36 -3.19
N LEU A 502 -29.93 3.32 -3.10
CA LEU A 502 -31.11 3.40 -2.26
C LEU A 502 -30.75 3.49 -0.78
N GLY A 503 -29.63 2.87 -0.37
CA GLY A 503 -29.22 2.99 1.01
C GLY A 503 -28.82 4.39 1.41
N THR A 504 -28.50 5.24 0.44
CA THR A 504 -28.13 6.62 0.76
C THR A 504 -29.28 7.39 1.37
N ILE A 505 -30.52 7.07 0.99
CA ILE A 505 -31.67 7.76 1.57
C ILE A 505 -31.78 7.46 3.06
N ASN A 506 -31.62 6.19 3.44
CA ASN A 506 -31.68 5.84 4.84
C ASN A 506 -30.47 6.37 5.61
N SER A 507 -29.31 6.41 4.96
CA SER A 507 -28.16 7.03 5.62
C SER A 507 -28.40 8.51 5.87
N ILE A 508 -29.04 9.19 4.91
CA ILE A 508 -29.42 10.59 5.10
C ILE A 508 -30.40 10.72 6.26
N VAL A 509 -31.36 9.80 6.35
CA VAL A 509 -32.33 9.86 7.44
C VAL A 509 -31.64 9.69 8.78
N MET A 510 -30.69 8.76 8.88
CA MET A 510 -30.00 8.56 10.14
C MET A 510 -29.10 9.74 10.50
N ALA A 511 -28.43 10.32 9.49
CA ALA A 511 -27.63 11.52 9.76
C ALA A 511 -28.52 12.65 10.24
N PHE A 512 -29.72 12.78 9.67
CA PHE A 512 -30.64 13.80 10.14
C PHE A 512 -31.12 13.51 11.56
N LEU A 513 -31.30 12.22 11.91
CA LEU A 513 -31.65 11.89 13.28
C LEU A 513 -30.53 12.27 14.24
N GLY A 514 -29.28 12.10 13.80
CA GLY A 514 -28.16 12.59 14.59
C GLY A 514 -28.19 14.10 14.74
N VAL A 515 -28.55 14.81 13.67
CA VAL A 515 -28.72 16.26 13.74
C VAL A 515 -29.80 16.61 14.75
N GLN A 516 -30.88 15.84 14.78
CA GLN A 516 -31.94 16.08 15.75
C GLN A 516 -31.45 15.84 17.18
N ALA A 517 -30.64 14.80 17.38
CA ALA A 517 -30.08 14.57 18.71
C ALA A 517 -29.17 15.71 19.14
N GLY A 518 -28.35 16.22 18.21
CA GLY A 518 -27.53 17.38 18.52
C GLY A 518 -28.37 18.61 18.83
N LYS A 519 -29.47 18.78 18.11
CA LYS A 519 -30.40 19.87 18.39
C LYS A 519 -30.97 19.75 19.80
N ILE A 520 -31.33 18.53 20.19
CA ILE A 520 -31.87 18.30 21.53
C ILE A 520 -30.82 18.61 22.58
N LEU A 521 -29.59 18.18 22.32
CA LEU A 521 -28.49 18.41 23.26
C LEU A 521 -28.17 19.89 23.40
N LEU A 522 -28.35 20.67 22.34
CA LEU A 522 -27.98 22.07 22.36
C LEU A 522 -29.09 22.98 22.87
N TYR A 523 -30.33 22.74 22.46
CA TYR A 523 -31.43 23.65 22.81
C TYR A 523 -31.66 23.71 24.31
N TYR A 524 -31.42 22.61 25.03
CA TYR A 524 -31.61 22.54 26.47
C TYR A 524 -30.28 22.36 27.19
N LYS A 525 -29.25 23.09 26.76
CA LYS A 525 -27.92 22.90 27.32
C LYS A 525 -27.88 23.20 28.81
N ALA A 526 -28.67 24.18 29.27
CA ALA A 526 -28.64 24.56 30.67
C ALA A 526 -29.21 23.47 31.57
N ARG A 527 -30.37 22.92 31.22
CA ARG A 527 -31.08 21.97 32.06
C ARG A 527 -30.80 20.56 31.58
N THR A 528 -30.24 19.73 32.47
CA THR A 528 -29.88 18.37 32.10
C THR A 528 -31.05 17.41 32.24
N LYS A 529 -32.00 17.69 33.12
CA LYS A 529 -33.17 16.82 33.25
C LYS A 529 -33.97 16.79 31.96
N ASP A 530 -34.13 17.97 31.32
CA ASP A 530 -34.84 18.02 30.06
C ASP A 530 -34.10 17.23 28.99
N ILE A 531 -32.78 17.34 28.93
CA ILE A 531 -32.02 16.59 27.93
C ILE A 531 -32.19 15.10 28.14
N LEU A 532 -32.10 14.64 29.40
CA LEU A 532 -32.23 13.22 29.68
C LEU A 532 -33.61 12.70 29.34
N ILE A 533 -34.66 13.47 29.68
CA ILE A 533 -36.00 13.00 29.36
C ILE A 533 -36.23 13.00 27.85
N ARG A 534 -35.67 13.97 27.12
CA ARG A 534 -35.78 13.98 25.67
C ARG A 534 -35.11 12.75 25.06
N PHE A 535 -33.90 12.43 25.53
CA PHE A 535 -33.21 11.26 25.01
C PHE A 535 -33.97 9.98 25.35
N THR A 536 -34.51 9.87 26.56
CA THR A 536 -35.30 8.71 26.91
C THR A 536 -36.52 8.57 25.99
N ALA A 537 -37.22 9.68 25.76
CA ALA A 537 -38.41 9.62 24.91
C ALA A 537 -38.04 9.23 23.49
N TRP A 538 -36.97 9.80 22.94
CA TRP A 538 -36.58 9.49 21.57
C TRP A 538 -36.17 8.02 21.46
N CYS A 539 -35.38 7.53 22.41
CA CYS A 539 -34.95 6.14 22.37
C CYS A 539 -36.14 5.20 22.46
N CYS A 540 -37.09 5.49 23.36
CA CYS A 540 -38.25 4.63 23.50
C CYS A 540 -39.13 4.65 22.25
N ILE A 541 -39.34 5.82 21.65
CA ILE A 541 -40.16 5.91 20.45
C ILE A 541 -39.52 5.14 19.31
N LEU A 542 -38.21 5.32 19.11
CA LEU A 542 -37.54 4.61 18.03
C LEU A 542 -37.50 3.11 18.28
N GLY A 543 -37.34 2.69 19.54
CA GLY A 543 -37.40 1.27 19.84
C GLY A 543 -38.77 0.69 19.55
N LEU A 544 -39.83 1.42 19.88
CA LEU A 544 -41.18 0.95 19.58
C LEU A 544 -41.39 0.84 18.08
N ILE A 545 -40.91 1.82 17.32
CA ILE A 545 -41.03 1.75 15.86
C ILE A 545 -40.28 0.54 15.33
N SER A 546 -39.08 0.28 15.84
CA SER A 546 -38.30 -0.86 15.39
C SER A 546 -38.99 -2.18 15.73
N VAL A 547 -39.55 -2.28 16.93
CA VAL A 547 -40.25 -3.49 17.33
C VAL A 547 -41.46 -3.73 16.45
N ALA A 548 -42.22 -2.68 16.16
CA ALA A 548 -43.37 -2.82 15.26
C ALA A 548 -42.93 -3.25 13.87
N LEU A 549 -41.85 -2.66 13.36
CA LEU A 549 -41.41 -2.96 12.00
C LEU A 549 -40.91 -4.39 11.88
N THR A 550 -39.98 -4.79 12.75
CA THR A 550 -39.28 -6.05 12.59
C THR A 550 -39.94 -7.22 13.29
N LYS A 551 -41.00 -6.99 14.07
CA LYS A 551 -41.75 -8.03 14.77
C LYS A 551 -40.85 -8.83 15.72
N VAL A 552 -39.71 -8.26 16.08
CA VAL A 552 -38.72 -8.90 16.95
C VAL A 552 -38.34 -10.25 16.38
N SER A 553 -37.71 -10.25 15.22
CA SER A 553 -37.20 -11.48 14.61
C SER A 553 -36.21 -11.10 13.52
N GLU A 554 -35.24 -11.99 13.29
CA GLU A 554 -34.19 -11.69 12.33
C GLU A 554 -34.70 -11.70 10.90
N ASN A 555 -35.53 -12.69 10.54
CA ASN A 555 -35.97 -12.87 9.17
C ASN A 555 -37.45 -12.60 8.95
N GLU A 556 -38.24 -12.51 10.02
CA GLU A 556 -39.66 -12.21 9.89
C GLU A 556 -39.88 -10.70 9.96
N GLY A 557 -41.14 -10.29 10.06
CA GLY A 557 -41.48 -8.89 10.12
C GLY A 557 -41.60 -8.26 8.74
N PHE A 558 -42.17 -7.06 8.72
CA PHE A 558 -42.37 -6.37 7.44
C PHE A 558 -41.04 -5.98 6.80
N ILE A 559 -40.18 -5.32 7.57
CA ILE A 559 -38.88 -4.88 7.07
C ILE A 559 -37.80 -5.38 8.02
N PRO A 560 -37.22 -6.55 7.78
CA PRO A 560 -36.22 -7.09 8.71
C PRO A 560 -34.97 -6.22 8.75
N VAL A 561 -34.29 -6.26 9.90
CA VAL A 561 -33.06 -5.50 10.10
C VAL A 561 -32.00 -6.00 9.12
N ASN A 562 -31.64 -5.16 8.15
CA ASN A 562 -30.76 -5.57 7.06
C ASN A 562 -29.66 -4.54 6.89
N LYS A 563 -28.40 -4.98 6.98
CA LYS A 563 -27.28 -4.09 6.77
C LYS A 563 -27.11 -3.73 5.30
N ASN A 564 -27.18 -4.73 4.41
CA ASN A 564 -26.88 -4.49 3.01
C ASN A 564 -27.88 -3.53 2.38
N LEU A 565 -29.16 -3.68 2.71
CA LEU A 565 -30.18 -2.80 2.17
C LEU A 565 -30.29 -1.49 2.93
N TRP A 566 -29.65 -1.36 4.09
CA TRP A 566 -29.82 -0.20 4.96
C TRP A 566 -31.29 0.04 5.24
N SER A 567 -31.98 -1.02 5.64
CA SER A 567 -33.43 -0.98 5.78
C SER A 567 -33.84 0.03 6.85
N LEU A 568 -35.12 0.40 6.81
CA LEU A 568 -35.64 1.37 7.75
C LEU A 568 -35.56 0.84 9.19
N SER A 569 -35.78 -0.46 9.36
CA SER A 569 -35.64 -1.05 10.69
C SER A 569 -34.20 -0.93 11.17
N TYR A 570 -33.24 -1.09 10.27
CA TYR A 570 -31.83 -0.90 10.62
C TYR A 570 -31.60 0.50 11.17
N VAL A 571 -32.12 1.52 10.47
CA VAL A 571 -31.93 2.89 10.91
C VAL A 571 -32.59 3.13 12.25
N THR A 572 -33.84 2.67 12.42
CA THR A 572 -34.54 2.92 13.67
C THR A 572 -33.87 2.22 14.84
N THR A 573 -33.49 0.95 14.67
CA THR A 573 -32.84 0.21 15.75
C THR A 573 -31.50 0.84 16.13
N LEU A 574 -30.67 1.12 15.13
CA LEU A 574 -29.36 1.69 15.43
C LEU A 574 -29.48 3.10 16.00
N SER A 575 -30.50 3.86 15.60
CA SER A 575 -30.70 5.18 16.17
C SER A 575 -31.18 5.10 17.61
N SER A 576 -32.04 4.14 17.92
CA SER A 576 -32.43 3.95 19.32
C SER A 576 -31.23 3.57 20.18
N PHE A 577 -30.39 2.68 19.67
CA PHE A 577 -29.18 2.29 20.39
C PHE A 577 -28.26 3.50 20.58
N ALA A 578 -28.08 4.30 19.55
CA ALA A 578 -27.23 5.48 19.66
C ALA A 578 -27.79 6.48 20.66
N PHE A 579 -29.11 6.67 20.67
CA PHE A 579 -29.72 7.56 21.64
C PHE A 579 -29.49 7.06 23.05
N PHE A 580 -29.63 5.75 23.27
CA PHE A 580 -29.38 5.21 24.62
C PHE A 580 -27.91 5.36 25.02
N ILE A 581 -26.99 5.13 24.09
CA ILE A 581 -25.58 5.30 24.40
C ILE A 581 -25.28 6.75 24.75
N LEU A 582 -25.85 7.69 24.01
CA LEU A 582 -25.67 9.10 24.35
C LEU A 582 -26.28 9.42 25.70
N LEU A 583 -27.42 8.80 26.02
CA LEU A 583 -28.06 9.01 27.31
C LEU A 583 -27.16 8.54 28.45
N VAL A 584 -26.49 7.40 28.27
CA VAL A 584 -25.58 6.93 29.31
C VAL A 584 -24.33 7.81 29.36
N LEU A 585 -23.81 8.22 28.22
CA LEU A 585 -22.51 8.89 28.16
C LEU A 585 -22.58 10.33 28.63
N TYR A 586 -23.64 11.06 28.28
CA TYR A 586 -23.65 12.51 28.51
C TYR A 586 -23.52 12.89 29.98
N PRO A 587 -24.34 12.38 30.91
CA PRO A 587 -24.11 12.73 32.32
C PRO A 587 -22.74 12.28 32.83
N VAL A 588 -22.29 11.09 32.42
CA VAL A 588 -21.02 10.56 32.92
C VAL A 588 -19.87 11.44 32.49
N VAL A 589 -19.85 11.87 31.23
CA VAL A 589 -18.70 12.59 30.71
C VAL A 589 -18.79 14.09 31.00
N ASP A 590 -20.00 14.64 31.14
CA ASP A 590 -20.17 16.08 31.31
C ASP A 590 -20.66 16.45 32.71
N VAL A 591 -21.78 15.90 33.15
CA VAL A 591 -22.39 16.38 34.39
C VAL A 591 -21.60 15.89 35.60
N LYS A 592 -21.51 14.57 35.78
CA LYS A 592 -20.77 14.03 36.91
C LYS A 592 -19.26 14.09 36.68
N GLY A 593 -18.82 14.00 35.42
CA GLY A 593 -17.40 14.02 35.14
C GLY A 593 -16.64 12.81 35.60
N LEU A 594 -17.32 11.67 35.77
CA LEU A 594 -16.67 10.48 36.29
C LEU A 594 -15.58 9.99 35.34
N TRP A 595 -15.89 9.94 34.05
CA TRP A 595 -14.96 9.44 33.04
C TRP A 595 -14.93 10.42 31.88
N THR A 596 -13.73 10.83 31.48
CA THR A 596 -13.55 11.85 30.46
C THR A 596 -13.24 11.27 29.09
N GLY A 597 -13.68 10.04 28.82
CA GLY A 597 -13.36 9.39 27.56
C GLY A 597 -11.89 9.20 27.34
N THR A 598 -11.15 8.90 28.41
CA THR A 598 -9.69 8.97 28.36
C THR A 598 -9.04 8.16 27.24
N PRO A 599 -9.41 6.92 26.96
CA PRO A 599 -8.73 6.19 25.88
C PRO A 599 -9.45 6.20 24.53
N PHE A 600 -10.57 6.91 24.41
CA PHE A 600 -11.41 6.77 23.22
C PHE A 600 -11.59 8.04 22.40
N PHE A 601 -11.53 9.22 23.01
CA PHE A 601 -11.94 10.41 22.26
C PHE A 601 -10.84 10.99 21.37
N TYR A 602 -9.62 10.47 21.43
CA TYR A 602 -8.61 10.89 20.46
C TYR A 602 -9.00 10.52 19.04
N PRO A 603 -9.45 9.30 18.73
CA PRO A 603 -10.12 9.09 17.45
C PRO A 603 -11.32 9.98 17.25
N GLY A 604 -12.05 10.28 18.33
CA GLY A 604 -13.14 11.23 18.22
C GLY A 604 -12.71 12.56 17.63
N MET A 605 -11.45 12.94 17.86
CA MET A 605 -10.92 14.15 17.25
C MET A 605 -10.31 13.91 15.87
N ASN A 606 -9.69 12.76 15.63
CA ASN A 606 -8.97 12.49 14.39
C ASN A 606 -9.64 11.39 13.57
N SER A 607 -10.98 11.40 13.50
CA SER A 607 -11.75 10.39 12.79
C SER A 607 -11.23 10.09 11.39
N ILE A 608 -11.28 11.07 10.50
CA ILE A 608 -11.02 10.79 9.09
C ILE A 608 -9.56 10.45 8.87
N LEU A 609 -8.66 11.14 9.56
CA LEU A 609 -7.24 10.82 9.44
C LEU A 609 -6.95 9.40 9.87
N VAL A 610 -7.51 8.98 11.01
CA VAL A 610 -7.28 7.61 11.48
C VAL A 610 -7.87 6.60 10.51
N TYR A 611 -9.08 6.87 10.02
CA TYR A 611 -9.73 5.93 9.11
C TYR A 611 -8.91 5.75 7.84
N VAL A 612 -8.51 6.85 7.21
CA VAL A 612 -7.74 6.75 5.96
C VAL A 612 -6.37 6.14 6.23
N GLY A 613 -5.75 6.47 7.37
CA GLY A 613 -4.46 5.89 7.68
C GLY A 613 -4.53 4.38 7.84
N HIS A 614 -5.56 3.89 8.53
CA HIS A 614 -5.68 2.45 8.71
C HIS A 614 -6.11 1.77 7.43
N GLU A 615 -6.82 2.49 6.54
CA GLU A 615 -7.15 1.91 5.24
C GLU A 615 -5.91 1.75 4.37
N VAL A 616 -5.05 2.77 4.36
CA VAL A 616 -3.83 2.70 3.55
C VAL A 616 -2.85 1.70 4.12
N PHE A 617 -2.64 1.73 5.44
CA PHE A 617 -1.61 0.95 6.11
C PHE A 617 -2.16 -0.36 6.70
N GLU A 618 -3.14 -0.96 6.04
CA GLU A 618 -3.72 -2.20 6.55
C GLU A 618 -2.71 -3.35 6.52
N ASN A 619 -1.82 -3.38 5.53
CA ASN A 619 -0.90 -4.48 5.34
C ASN A 619 0.46 -4.27 6.02
N TYR A 620 0.69 -3.11 6.64
CA TYR A 620 2.01 -2.79 7.14
C TYR A 620 2.30 -3.55 8.43
N PHE A 621 3.59 -3.62 8.78
CA PHE A 621 4.03 -4.57 9.81
C PHE A 621 3.38 -4.36 11.17
N PRO A 622 3.42 -3.17 11.78
CA PRO A 622 2.90 -3.05 13.15
C PRO A 622 1.43 -3.40 13.25
N PHE A 623 0.68 -3.28 12.17
CA PHE A 623 -0.74 -3.62 12.15
C PHE A 623 -1.01 -5.02 11.61
N GLN A 624 -0.03 -5.66 10.97
CA GLN A 624 -0.24 -6.99 10.41
C GLN A 624 1.11 -7.62 10.12
N TRP A 625 1.33 -8.82 10.66
CA TRP A 625 2.57 -9.55 10.45
C TRP A 625 2.26 -11.02 10.18
N LYS A 626 3.26 -11.76 9.75
CA LYS A 626 3.08 -13.17 9.44
C LYS A 626 2.68 -13.94 10.69
N LEU A 627 1.71 -14.83 10.53
CA LEU A 627 1.17 -15.58 11.65
C LEU A 627 1.90 -16.91 11.80
N LYS A 628 2.02 -17.36 13.06
CA LYS A 628 2.59 -18.67 13.31
C LYS A 628 1.65 -19.78 12.81
N ASP A 629 0.37 -19.68 13.17
CA ASP A 629 -0.65 -20.62 12.71
C ASP A 629 -1.80 -19.81 12.14
N ASN A 630 -1.98 -19.87 10.83
CA ASN A 630 -3.00 -19.07 10.16
C ASN A 630 -4.41 -19.49 10.52
N GLN A 631 -4.60 -20.65 11.13
CA GLN A 631 -5.92 -21.18 11.43
C GLN A 631 -6.30 -21.06 12.89
N SER A 632 -5.60 -20.20 13.64
CA SER A 632 -5.88 -20.01 15.06
C SER A 632 -6.64 -18.71 15.26
N HIS A 633 -7.77 -18.80 15.97
CA HIS A 633 -8.54 -17.60 16.29
C HIS A 633 -7.75 -16.69 17.22
N LYS A 634 -6.99 -17.28 18.14
CA LYS A 634 -6.27 -16.48 19.13
C LYS A 634 -5.24 -15.57 18.46
N GLU A 635 -4.51 -16.09 17.47
CA GLU A 635 -3.50 -15.29 16.79
C GLU A 635 -4.12 -14.10 16.07
N HIS A 636 -5.22 -14.36 15.34
CA HIS A 636 -5.89 -13.27 14.62
C HIS A 636 -6.45 -12.24 15.59
N LEU A 637 -7.06 -12.70 16.68
CA LEU A 637 -7.61 -11.77 17.66
C LEU A 637 -6.53 -10.91 18.29
N THR A 638 -5.40 -11.53 18.65
CA THR A 638 -4.30 -10.77 19.23
C THR A 638 -3.75 -9.75 18.24
N GLN A 639 -3.59 -10.16 16.97
CA GLN A 639 -3.07 -9.25 15.97
C GLN A 639 -4.01 -8.07 15.77
N ASN A 640 -5.32 -8.33 15.69
CA ASN A 640 -6.27 -7.24 15.47
C ASN A 640 -6.35 -6.31 16.67
N ILE A 641 -6.32 -6.86 17.88
CA ILE A 641 -6.35 -6.02 19.07
C ILE A 641 -5.09 -5.17 19.15
N VAL A 642 -3.93 -5.73 18.82
CA VAL A 642 -2.69 -4.97 18.84
C VAL A 642 -2.73 -3.86 17.80
N ALA A 643 -3.25 -4.15 16.61
CA ALA A 643 -3.35 -3.11 15.59
C ALA A 643 -4.29 -1.99 16.02
N THR A 644 -5.43 -2.33 16.61
CA THR A 644 -6.36 -1.31 17.09
C THR A 644 -5.74 -0.47 18.21
N ALA A 645 -5.02 -1.11 19.13
CA ALA A 645 -4.36 -0.37 20.19
C ALA A 645 -3.29 0.57 19.62
N LEU A 646 -2.56 0.10 18.60
CA LEU A 646 -1.56 0.97 17.97
C LEU A 646 -2.22 2.16 17.29
N TRP A 647 -3.41 1.96 16.71
CA TRP A 647 -4.09 3.10 16.12
C TRP A 647 -4.62 4.06 17.17
N VAL A 648 -5.05 3.55 18.32
CA VAL A 648 -5.40 4.43 19.44
C VAL A 648 -4.18 5.25 19.86
N LEU A 649 -3.02 4.59 19.94
CA LEU A 649 -1.80 5.29 20.32
C LEU A 649 -1.41 6.36 19.31
N ILE A 650 -1.56 6.05 18.01
CA ILE A 650 -1.25 7.03 16.97
C ILE A 650 -2.20 8.22 17.06
N ALA A 651 -3.49 7.95 17.30
CA ALA A 651 -4.43 9.04 17.46
C ALA A 651 -4.07 9.91 18.66
N TYR A 652 -3.66 9.28 19.76
CA TYR A 652 -3.25 10.05 20.95
C TYR A 652 -2.04 10.90 20.65
N ILE A 653 -1.05 10.35 19.93
CA ILE A 653 0.15 11.11 19.60
C ILE A 653 -0.20 12.29 18.72
N LEU A 654 -1.07 12.09 17.72
CA LEU A 654 -1.51 13.19 16.87
C LEU A 654 -2.24 14.25 17.69
N TYR A 655 -3.06 13.82 18.65
CA TYR A 655 -3.77 14.78 19.51
C TYR A 655 -2.79 15.60 20.34
N ARG A 656 -1.75 14.96 20.87
CA ARG A 656 -0.77 15.68 21.68
C ARG A 656 -0.05 16.73 20.86
N LYS A 657 0.31 16.40 19.63
CA LYS A 657 1.03 17.33 18.75
C LYS A 657 0.12 18.36 18.09
N LYS A 658 -1.12 18.49 18.56
CA LYS A 658 -2.09 19.48 18.09
C LYS A 658 -2.50 19.28 16.64
N ILE A 659 -2.14 18.17 16.02
CA ILE A 659 -2.62 17.85 14.68
C ILE A 659 -4.07 17.40 14.78
N PHE A 660 -4.88 17.79 13.81
CA PHE A 660 -6.32 17.65 13.95
C PHE A 660 -6.94 17.37 12.59
N TRP A 661 -8.26 17.56 12.49
CA TRP A 661 -9.07 17.14 11.35
C TRP A 661 -8.72 17.96 10.11
N LYS A 662 -7.63 17.57 9.46
CA LYS A 662 -7.22 18.16 8.19
C LYS A 662 -6.53 17.05 7.39
N ILE A 663 -7.32 16.38 6.55
CA ILE A 663 -6.81 15.26 5.76
C ILE A 663 -7.74 14.95 4.61
N ALA B 75 3.27 -7.99 -30.43
CA ALA B 75 3.45 -9.39 -30.77
C ALA B 75 4.25 -10.11 -29.69
N GLU B 76 5.13 -11.01 -30.12
CA GLU B 76 5.97 -11.76 -29.18
C GLU B 76 7.15 -10.95 -28.67
N LEU B 77 7.38 -9.76 -29.22
CA LEU B 77 8.50 -8.93 -28.78
C LEU B 77 8.17 -8.24 -27.46
N LYS B 78 9.05 -8.41 -26.47
CA LYS B 78 8.91 -7.71 -25.21
C LYS B 78 9.45 -6.30 -25.36
N MET B 79 9.61 -5.59 -24.25
CA MET B 79 10.16 -4.25 -24.30
C MET B 79 11.66 -4.30 -24.60
N ASP B 80 12.08 -3.54 -25.61
CA ASP B 80 13.47 -3.47 -26.03
C ASP B 80 14.01 -4.85 -26.43
N GLN B 81 13.36 -5.43 -27.44
CA GLN B 81 13.82 -6.66 -28.04
C GLN B 81 13.57 -6.61 -29.54
N ALA B 82 14.42 -7.27 -30.31
CA ALA B 82 14.32 -7.28 -31.76
C ALA B 82 14.41 -8.71 -32.25
N LEU B 83 13.41 -9.13 -33.04
CA LEU B 83 13.42 -10.47 -33.61
C LEU B 83 14.58 -10.62 -34.58
N LEU B 84 15.18 -11.80 -34.59
CA LEU B 84 16.35 -12.09 -35.42
C LEU B 84 16.11 -13.42 -36.13
N LEU B 85 15.48 -13.36 -37.31
CA LEU B 85 15.26 -14.55 -38.12
C LEU B 85 16.57 -14.94 -38.80
N ILE B 86 17.07 -16.12 -38.47
CA ILE B 86 18.36 -16.59 -38.94
C ILE B 86 18.20 -17.97 -39.56
N HIS B 87 18.71 -18.12 -40.78
CA HIS B 87 18.72 -19.41 -41.47
C HIS B 87 20.03 -19.56 -42.22
N ASN B 88 20.48 -20.80 -42.34
CA ASN B 88 21.82 -21.12 -42.82
C ASN B 88 21.75 -21.66 -44.25
N GLU B 89 22.56 -21.10 -45.13
CA GLU B 89 22.72 -21.62 -46.49
C GLU B 89 23.92 -22.56 -46.58
N LEU B 90 23.94 -23.56 -45.69
CA LEU B 90 25.03 -24.53 -45.63
C LEU B 90 24.45 -25.90 -45.32
N LEU B 91 25.30 -26.92 -45.35
CA LEU B 91 24.82 -28.29 -45.29
C LEU B 91 25.40 -29.10 -44.14
N TRP B 92 26.68 -28.92 -43.81
CA TRP B 92 27.38 -29.90 -42.98
C TRP B 92 27.89 -29.31 -41.66
N THR B 93 27.28 -28.25 -41.15
CA THR B 93 27.65 -27.72 -39.85
C THR B 93 26.40 -27.34 -39.07
N ASN B 94 26.48 -27.51 -37.75
CA ASN B 94 25.40 -27.10 -36.84
C ASN B 94 25.83 -25.82 -36.14
N LEU B 95 25.00 -24.78 -36.27
CA LEU B 95 25.33 -23.46 -35.75
C LEU B 95 24.57 -23.19 -34.47
N THR B 96 25.26 -22.56 -33.52
CA THR B 96 24.66 -22.09 -32.27
C THR B 96 25.04 -20.64 -32.08
N VAL B 97 24.04 -19.76 -32.11
CA VAL B 97 24.29 -18.32 -32.03
C VAL B 97 24.57 -17.95 -30.58
N TYR B 98 25.64 -17.20 -30.36
CA TYR B 98 26.09 -16.84 -29.02
C TYR B 98 26.11 -15.33 -28.88
N TRP B 99 25.44 -14.82 -27.84
CA TRP B 99 25.21 -13.40 -27.67
C TRP B 99 25.93 -12.88 -26.43
N LYS B 100 26.37 -11.63 -26.50
CA LYS B 100 27.04 -11.00 -25.37
C LYS B 100 26.90 -9.49 -25.52
N SER B 101 26.25 -8.84 -24.57
CA SER B 101 26.03 -7.40 -24.64
C SER B 101 27.36 -6.66 -24.60
N GLU B 102 27.45 -5.58 -25.38
CA GLU B 102 28.73 -4.90 -25.56
C GLU B 102 29.21 -4.24 -24.27
N CYS B 103 28.29 -3.64 -23.51
CA CYS B 103 28.69 -2.84 -22.37
C CYS B 103 29.28 -3.67 -21.23
N CYS B 104 29.10 -4.98 -21.25
CA CYS B 104 29.70 -5.81 -20.22
C CYS B 104 31.22 -5.85 -20.38
N TYR B 105 31.91 -5.95 -19.25
CA TYR B 105 33.38 -5.94 -19.27
C TYR B 105 33.93 -7.26 -19.78
N HIS B 106 33.66 -8.35 -19.07
CA HIS B 106 34.11 -9.69 -19.46
C HIS B 106 32.97 -10.66 -19.16
N CYS B 107 32.14 -10.93 -20.17
CA CYS B 107 31.00 -11.80 -20.03
C CYS B 107 31.21 -13.06 -20.86
N LEU B 108 30.90 -14.21 -20.26
CA LEU B 108 30.87 -15.45 -21.01
C LEU B 108 29.76 -15.41 -22.04
N PHE B 109 30.06 -15.87 -23.25
CA PHE B 109 29.07 -15.85 -24.33
C PHE B 109 27.95 -16.83 -24.01
N GLN B 110 26.78 -16.31 -23.63
CA GLN B 110 25.65 -17.16 -23.36
C GLN B 110 25.04 -17.68 -24.66
N VAL B 111 24.50 -18.90 -24.60
CA VAL B 111 23.85 -19.48 -25.77
C VAL B 111 22.51 -18.78 -25.99
N LEU B 112 22.14 -18.61 -27.26
CA LEU B 112 20.91 -17.94 -27.62
C LEU B 112 19.93 -18.87 -28.32
N VAL B 113 20.34 -19.48 -29.43
CA VAL B 113 19.50 -20.40 -30.20
C VAL B 113 20.39 -21.52 -30.74
N ASN B 114 19.75 -22.49 -31.37
CA ASN B 114 20.46 -23.58 -32.06
C ASN B 114 19.97 -23.63 -33.49
N VAL B 115 20.91 -23.50 -34.44
CA VAL B 115 20.61 -23.49 -35.86
C VAL B 115 21.08 -24.83 -36.44
N PRO B 116 20.18 -25.70 -36.86
CA PRO B 116 20.59 -26.99 -37.43
C PRO B 116 20.95 -26.85 -38.90
N GLN B 117 21.40 -27.95 -39.48
CA GLN B 117 21.76 -27.98 -40.88
C GLN B 117 20.51 -27.97 -41.77
N SER B 118 20.66 -27.48 -42.98
CA SER B 118 19.56 -27.48 -43.93
C SER B 118 19.27 -28.91 -44.37
N PRO B 119 18.02 -29.38 -44.25
CA PRO B 119 17.72 -30.76 -44.69
C PRO B 119 18.01 -31.02 -46.15
N LYS B 120 17.85 -30.02 -47.01
CA LYS B 120 18.11 -30.17 -48.43
C LYS B 120 18.69 -28.87 -48.97
N ALA B 121 19.38 -28.98 -50.10
CA ALA B 121 19.97 -27.80 -50.73
C ALA B 121 18.88 -26.83 -51.18
N GLY B 122 19.09 -25.55 -50.89
CA GLY B 122 18.11 -24.54 -51.23
C GLY B 122 16.96 -24.42 -50.25
N LYS B 123 17.01 -25.12 -49.12
CA LYS B 123 15.94 -25.07 -48.11
C LYS B 123 16.59 -24.79 -46.75
N PRO B 124 16.95 -23.53 -46.49
CA PRO B 124 17.56 -23.20 -45.20
C PRO B 124 16.59 -23.38 -44.05
N SER B 125 17.14 -23.70 -42.88
CA SER B 125 16.35 -23.89 -41.67
C SER B 125 16.41 -22.61 -40.85
N ALA B 126 15.25 -21.99 -40.63
CA ALA B 126 15.18 -20.73 -39.92
C ALA B 126 15.04 -20.94 -38.42
N ALA B 127 15.41 -19.90 -37.66
CA ALA B 127 15.26 -19.91 -36.22
C ALA B 127 14.92 -18.50 -35.76
N ALA B 128 14.21 -18.41 -34.63
CA ALA B 128 13.77 -17.14 -34.09
C ALA B 128 14.56 -16.83 -32.82
N ALA B 129 15.06 -15.61 -32.72
CA ALA B 129 15.82 -15.16 -31.56
C ALA B 129 15.34 -13.78 -31.14
N SER B 130 15.50 -13.48 -29.86
CA SER B 130 15.13 -12.18 -29.29
C SER B 130 16.37 -11.61 -28.61
N VAL B 131 17.13 -10.80 -29.35
CA VAL B 131 18.33 -10.19 -28.83
C VAL B 131 17.97 -8.88 -28.14
N SER B 132 18.48 -8.69 -26.93
CA SER B 132 18.23 -7.45 -26.21
C SER B 132 18.93 -6.30 -26.92
N THR B 133 18.18 -5.24 -27.18
CA THR B 133 18.67 -4.10 -27.95
C THR B 133 18.88 -2.86 -27.11
N GLN B 134 19.15 -3.03 -25.82
CA GLN B 134 19.41 -1.87 -24.97
C GLN B 134 20.65 -1.12 -25.44
N HIS B 135 21.77 -1.83 -25.60
CA HIS B 135 22.97 -1.22 -26.18
C HIS B 135 23.86 -2.32 -26.73
N GLY B 136 23.99 -2.36 -28.05
CA GLY B 136 24.96 -3.23 -28.69
C GLY B 136 24.68 -4.71 -28.58
N SER B 137 25.47 -5.51 -29.31
CA SER B 137 25.43 -6.96 -29.27
C SER B 137 26.63 -7.48 -30.06
N ILE B 138 27.14 -8.63 -29.63
CA ILE B 138 28.28 -9.27 -30.29
C ILE B 138 27.86 -10.72 -30.56
N LEU B 139 27.36 -10.96 -31.77
CA LEU B 139 26.92 -12.31 -32.15
C LEU B 139 28.14 -13.12 -32.57
N GLN B 140 28.45 -14.14 -31.78
CA GLN B 140 29.56 -15.05 -32.07
C GLN B 140 28.99 -16.39 -32.50
N LEU B 141 29.49 -16.91 -33.61
CA LEU B 141 29.03 -18.19 -34.15
C LEU B 141 30.23 -19.09 -34.39
N ASN B 142 30.36 -20.15 -33.60
CA ASN B 142 31.19 -21.28 -33.99
C ASN B 142 30.45 -22.57 -33.67
N ASP B 143 30.61 -23.55 -34.57
CA ASP B 143 29.79 -24.74 -34.59
C ASP B 143 30.09 -25.65 -33.41
N THR B 144 29.13 -26.52 -33.10
CA THR B 144 29.29 -27.46 -32.00
C THR B 144 30.25 -28.59 -32.36
N LEU B 145 30.21 -29.05 -33.62
CA LEU B 145 31.02 -30.19 -34.00
C LEU B 145 32.51 -29.87 -34.02
N GLU B 146 32.89 -28.71 -34.56
CA GLU B 146 34.29 -28.38 -34.77
C GLU B 146 34.80 -27.21 -33.94
N GLU B 147 33.90 -26.40 -33.34
CA GLU B 147 34.30 -25.23 -32.56
C GLU B 147 35.18 -24.28 -33.37
N LYS B 148 34.84 -24.11 -34.64
CA LYS B 148 35.57 -23.22 -35.54
C LYS B 148 34.67 -22.07 -35.94
N GLU B 149 35.23 -20.85 -35.93
CA GLU B 149 34.43 -19.67 -36.19
C GLU B 149 33.90 -19.66 -37.61
N VAL B 150 32.68 -19.14 -37.77
CA VAL B 150 32.09 -18.89 -39.07
C VAL B 150 31.78 -17.42 -39.29
N CYS B 151 31.26 -16.74 -38.27
CA CYS B 151 31.02 -15.31 -38.32
C CYS B 151 30.95 -14.76 -36.90
N ARG B 152 31.77 -13.75 -36.63
CA ARG B 152 31.69 -12.98 -35.39
C ARG B 152 31.57 -11.52 -35.80
N LEU B 153 30.40 -10.93 -35.59
CA LEU B 153 30.14 -9.57 -36.01
C LEU B 153 29.50 -8.78 -34.87
N GLU B 154 29.88 -7.52 -34.77
CA GLU B 154 29.34 -6.62 -33.76
C GLU B 154 28.31 -5.70 -34.40
N TYR B 155 27.11 -5.69 -33.83
CA TYR B 155 26.02 -4.88 -34.36
C TYR B 155 25.27 -4.23 -33.21
N ARG B 156 24.52 -3.18 -33.53
CA ARG B 156 23.68 -2.49 -32.56
C ARG B 156 22.24 -2.55 -33.07
N PHE B 157 21.47 -3.50 -32.55
CA PHE B 157 20.10 -3.68 -32.99
C PHE B 157 19.22 -2.54 -32.47
N GLY B 158 18.10 -2.33 -33.16
CA GLY B 158 17.13 -1.34 -32.77
C GLY B 158 15.92 -1.98 -32.11
N GLU B 159 15.18 -1.18 -31.34
CA GLU B 159 14.01 -1.69 -30.66
C GLU B 159 12.91 -2.05 -31.66
N PHE B 160 12.31 -3.22 -31.46
CA PHE B 160 11.22 -3.71 -32.31
C PHE B 160 11.65 -3.82 -33.78
N GLY B 161 12.92 -4.12 -34.02
CA GLY B 161 13.42 -4.29 -35.36
C GLY B 161 13.16 -5.68 -35.90
N ASN B 162 13.66 -5.93 -37.10
CA ASN B 162 13.53 -7.22 -37.76
C ASN B 162 14.76 -7.41 -38.62
N TYR B 163 15.76 -8.10 -38.07
CA TYR B 163 17.05 -8.27 -38.71
C TYR B 163 17.26 -9.74 -39.07
N SER B 164 17.65 -9.99 -40.31
CA SER B 164 17.87 -11.34 -40.81
C SER B 164 19.35 -11.55 -41.09
N LEU B 165 19.92 -12.61 -40.53
CA LEU B 165 21.33 -12.94 -40.70
C LEU B 165 21.44 -14.08 -41.70
N LEU B 166 21.99 -13.79 -42.88
CA LEU B 166 22.15 -14.77 -43.94
C LEU B 166 23.61 -15.24 -43.95
N VAL B 167 23.83 -16.49 -43.57
CA VAL B 167 25.15 -17.10 -43.59
C VAL B 167 25.22 -18.04 -44.78
N LYS B 168 26.25 -17.89 -45.61
CA LYS B 168 26.37 -18.68 -46.83
C LYS B 168 27.84 -18.75 -47.23
N ASN B 169 28.14 -19.69 -48.13
CA ASN B 169 29.48 -19.84 -48.64
C ASN B 169 29.81 -18.73 -49.63
N ILE B 170 31.11 -18.55 -49.86
CA ILE B 170 31.58 -17.51 -50.79
C ILE B 170 32.72 -18.06 -51.64
N ILE B 177 32.82 -19.06 -45.13
CA ILE B 177 31.53 -18.65 -44.61
C ILE B 177 31.43 -17.14 -44.56
N ALA B 178 30.35 -16.60 -45.12
CA ALA B 178 30.11 -15.16 -45.16
C ALA B 178 28.72 -14.85 -44.62
N CYS B 179 28.61 -13.70 -43.96
CA CYS B 179 27.34 -13.26 -43.38
C CYS B 179 27.19 -11.77 -43.62
N ASP B 180 25.94 -11.32 -43.72
CA ASP B 180 25.63 -9.95 -44.09
C ASP B 180 24.71 -9.22 -43.12
N LEU B 181 23.82 -9.92 -42.44
CA LEU B 181 22.89 -9.34 -41.48
C LEU B 181 22.03 -8.25 -42.15
N ALA B 182 21.20 -8.71 -43.07
CA ALA B 182 20.25 -7.83 -43.73
C ALA B 182 19.16 -7.40 -42.76
N VAL B 183 18.54 -6.26 -43.06
CA VAL B 183 17.50 -5.67 -42.23
C VAL B 183 16.18 -5.79 -42.96
N ASN B 184 15.19 -6.41 -42.33
CA ASN B 184 13.88 -6.56 -42.95
C ASN B 184 13.04 -5.30 -42.78
N GLU B 185 12.77 -4.93 -41.53
CA GLU B 185 11.95 -3.76 -41.21
C GLU B 185 12.76 -2.78 -40.39
N ASP B 186 12.62 -1.50 -40.70
CA ASP B 186 13.33 -0.46 -39.98
C ASP B 186 12.81 -0.40 -38.55
N PRO B 187 13.67 -0.43 -37.53
CA PRO B 187 13.20 -0.37 -36.15
C PRO B 187 12.54 0.98 -35.85
N VAL B 188 11.61 0.95 -34.91
CA VAL B 188 10.93 2.18 -34.49
C VAL B 188 11.92 3.11 -33.80
N ASP B 189 11.54 4.38 -33.70
CA ASP B 189 12.40 5.39 -33.10
C ASP B 189 12.64 5.11 -31.62
N LEU B 268 18.88 31.98 1.47
CA LEU B 268 19.83 31.01 0.93
C LEU B 268 19.27 30.40 -0.35
N ARG B 269 18.32 29.48 -0.20
CA ARG B 269 17.41 29.07 -1.27
C ARG B 269 18.11 28.21 -2.31
N SER B 270 19.45 28.20 -2.30
CA SER B 270 20.18 27.40 -3.27
C SER B 270 20.27 25.95 -2.84
N VAL B 271 20.51 25.72 -1.54
CA VAL B 271 20.48 24.36 -1.01
C VAL B 271 19.09 23.76 -1.19
N ASP B 272 18.05 24.56 -0.96
CA ASP B 272 16.68 24.07 -1.15
C ASP B 272 16.40 23.75 -2.61
N THR B 273 16.83 24.61 -3.54
CA THR B 273 16.62 24.30 -4.96
C THR B 273 17.34 23.02 -5.36
N PHE B 274 18.59 22.86 -4.90
CA PHE B 274 19.37 21.69 -5.24
C PHE B 274 18.75 20.42 -4.65
N ARG B 275 18.24 20.50 -3.42
CA ARG B 275 17.55 19.36 -2.82
C ARG B 275 16.29 19.02 -3.59
N GLY B 276 15.54 20.04 -4.03
CA GLY B 276 14.36 19.77 -4.83
C GLY B 276 14.69 19.08 -6.13
N ILE B 277 15.76 19.51 -6.81
CA ILE B 277 16.18 18.87 -8.04
C ILE B 277 16.55 17.41 -7.79
N ALA B 278 17.34 17.16 -6.74
CA ALA B 278 17.74 15.79 -6.43
C ALA B 278 16.53 14.92 -6.12
N LEU B 279 15.58 15.44 -5.33
CA LEU B 279 14.39 14.67 -5.00
C LEU B 279 13.55 14.37 -6.22
N ILE B 280 13.37 15.35 -7.11
CA ILE B 280 12.54 15.13 -8.28
C ILE B 280 13.17 14.08 -9.19
N LEU B 281 14.48 14.17 -9.40
CA LEU B 281 15.14 13.16 -10.22
C LEU B 281 15.08 11.78 -9.56
N MET B 282 15.22 11.73 -8.23
CA MET B 282 15.14 10.46 -7.52
C MET B 282 13.76 9.83 -7.65
N VAL B 283 12.70 10.64 -7.52
CA VAL B 283 11.35 10.12 -7.66
C VAL B 283 11.10 9.67 -9.10
N PHE B 284 11.61 10.42 -10.08
CA PHE B 284 11.47 10.03 -11.47
C PHE B 284 12.12 8.68 -11.74
N VAL B 285 13.38 8.52 -11.32
CA VAL B 285 14.08 7.27 -11.58
C VAL B 285 13.58 6.13 -10.71
N ASN B 286 12.91 6.43 -9.60
CA ASN B 286 12.40 5.36 -8.73
C ASN B 286 11.15 4.72 -9.31
N TYR B 287 10.28 5.52 -9.95
CA TYR B 287 9.09 4.99 -10.58
C TYR B 287 9.39 4.17 -11.83
N GLY B 288 10.62 4.20 -12.31
CA GLY B 288 10.99 3.47 -13.50
C GLY B 288 11.73 4.32 -14.50
N GLY B 289 11.49 5.63 -14.46
CA GLY B 289 12.14 6.54 -15.38
C GLY B 289 11.82 6.24 -16.83
N GLY B 290 10.60 5.81 -17.12
CA GLY B 290 10.24 5.47 -18.48
C GLY B 290 10.83 4.17 -18.98
N LYS B 291 11.37 3.35 -18.09
CA LYS B 291 11.99 2.07 -18.42
C LYS B 291 13.21 2.20 -19.32
N TYR B 292 13.70 3.42 -19.53
CA TYR B 292 14.89 3.61 -20.34
C TYR B 292 16.12 3.12 -19.57
N TRP B 293 17.09 2.59 -20.32
CA TRP B 293 18.29 2.05 -19.70
C TRP B 293 19.17 3.12 -19.07
N TYR B 294 19.03 4.38 -19.51
CA TYR B 294 19.80 5.47 -18.92
C TYR B 294 19.10 6.14 -17.75
N PHE B 295 17.88 5.72 -17.43
CA PHE B 295 17.15 6.24 -16.28
C PHE B 295 17.01 5.19 -15.17
N LYS B 296 17.81 4.13 -15.24
CA LYS B 296 17.83 3.10 -14.21
C LYS B 296 19.25 2.95 -13.68
N HIS B 297 19.37 2.33 -12.51
CA HIS B 297 20.69 2.11 -11.92
C HIS B 297 21.54 1.25 -12.85
N ALA B 298 22.75 1.70 -13.11
CA ALA B 298 23.63 1.01 -14.04
C ALA B 298 24.05 -0.35 -13.47
N SER B 299 24.19 -1.32 -14.36
CA SER B 299 24.63 -2.66 -13.95
C SER B 299 26.09 -2.58 -13.55
N TRP B 300 26.33 -2.51 -12.25
CA TRP B 300 27.67 -2.45 -11.67
C TRP B 300 28.33 -1.16 -12.14
N ASN B 301 29.50 -1.21 -12.78
CA ASN B 301 30.20 0.01 -13.17
C ASN B 301 29.37 0.82 -14.15
N GLY B 302 29.31 2.12 -13.94
CA GLY B 302 28.54 3.01 -14.78
C GLY B 302 27.99 4.16 -13.96
N LEU B 303 27.62 5.22 -14.67
CA LEU B 303 27.15 6.47 -14.06
C LEU B 303 25.89 6.98 -14.75
N THR B 304 24.90 6.11 -14.92
CA THR B 304 23.64 6.53 -15.51
C THR B 304 22.97 7.59 -14.63
N VAL B 305 21.89 8.18 -15.18
CA VAL B 305 21.24 9.30 -14.52
C VAL B 305 20.68 8.91 -13.16
N ALA B 306 20.22 7.67 -13.01
CA ALA B 306 19.71 7.22 -11.73
C ALA B 306 20.79 7.03 -10.68
N ASP B 307 22.06 7.08 -11.06
CA ASP B 307 23.16 6.98 -10.11
C ASP B 307 23.57 8.34 -9.54
N LEU B 308 22.98 9.42 -10.02
CA LEU B 308 23.38 10.77 -9.66
C LEU B 308 22.43 11.43 -8.66
N VAL B 309 21.49 10.67 -8.09
CA VAL B 309 20.43 11.30 -7.30
C VAL B 309 20.73 11.19 -5.82
N PHE B 310 20.96 9.98 -5.32
CA PHE B 310 21.20 9.80 -3.89
C PHE B 310 22.46 10.51 -3.40
N PRO B 311 23.62 10.43 -4.08
CA PRO B 311 24.79 11.17 -3.59
C PRO B 311 24.56 12.67 -3.47
N TRP B 312 23.85 13.27 -4.43
CA TRP B 312 23.54 14.69 -4.32
C TRP B 312 22.64 14.97 -3.12
N PHE B 313 21.68 14.08 -2.87
CA PHE B 313 20.82 14.25 -1.70
C PHE B 313 21.62 14.19 -0.41
N VAL B 314 22.58 13.27 -0.33
CA VAL B 314 23.41 13.17 0.88
C VAL B 314 24.30 14.41 1.02
N PHE B 315 24.83 14.91 -0.10
CA PHE B 315 25.61 16.15 -0.08
C PHE B 315 24.77 17.30 0.46
N ILE B 316 23.53 17.41 -0.02
CA ILE B 316 22.65 18.48 0.42
C ILE B 316 22.33 18.33 1.90
N MET B 317 22.10 17.10 2.34
CA MET B 317 21.82 16.90 3.75
C MET B 317 23.02 17.25 4.63
N GLY B 318 24.24 16.97 4.16
CA GLY B 318 25.40 17.42 4.92
C GLY B 318 25.47 18.93 5.03
N SER B 319 25.24 19.63 3.92
CA SER B 319 25.25 21.09 3.97
C SER B 319 24.17 21.61 4.91
N SER B 320 22.97 21.04 4.84
CA SER B 320 21.88 21.50 5.71
C SER B 320 22.16 21.16 7.16
N ILE B 321 22.80 20.03 7.45
CA ILE B 321 23.18 19.70 8.81
C ILE B 321 24.11 20.76 9.37
N PHE B 322 25.14 21.13 8.60
CA PHE B 322 26.04 22.15 9.14
C PHE B 322 25.33 23.49 9.30
N LEU B 323 24.49 23.87 8.34
CA LEU B 323 23.80 25.16 8.43
C LEU B 323 22.90 25.21 9.65
N SER B 324 22.08 24.16 9.84
CA SER B 324 21.16 24.14 10.97
C SER B 324 21.91 24.06 12.30
N MET B 325 23.01 23.30 12.35
CA MET B 325 23.80 23.21 13.57
C MET B 325 24.37 24.57 13.94
N THR B 326 24.92 25.29 12.97
CA THR B 326 25.45 26.61 13.26
C THR B 326 24.35 27.57 13.69
N SER B 327 23.19 27.51 13.01
CA SER B 327 22.09 28.40 13.38
C SER B 327 21.60 28.13 14.79
N ILE B 328 21.47 26.86 15.16
CA ILE B 328 20.97 26.52 16.49
C ILE B 328 21.99 26.90 17.56
N LEU B 329 23.27 26.60 17.31
CA LEU B 329 24.29 26.97 18.29
C LEU B 329 24.39 28.48 18.45
N GLN B 330 24.15 29.23 17.37
CA GLN B 330 24.10 30.68 17.48
C GLN B 330 22.85 31.14 18.25
N ARG B 331 21.75 30.41 18.12
CA ARG B 331 20.54 30.75 18.87
C ARG B 331 20.75 30.62 20.37
N GLY B 332 21.60 29.69 20.80
CA GLY B 332 21.93 29.54 22.20
C GLY B 332 21.45 28.28 22.87
N CYS B 333 20.87 27.33 22.13
CA CYS B 333 20.43 26.08 22.72
C CYS B 333 21.61 25.23 23.17
N SER B 334 21.38 24.41 24.18
CA SER B 334 22.43 23.57 24.72
C SER B 334 22.73 22.39 23.79
N LYS B 335 23.90 21.78 24.00
CA LYS B 335 24.33 20.68 23.16
C LYS B 335 23.60 19.38 23.47
N PHE B 336 23.19 19.17 24.73
CA PHE B 336 22.53 17.92 25.09
C PHE B 336 21.17 17.78 24.40
N ARG B 337 20.40 18.86 24.35
CA ARG B 337 19.13 18.82 23.65
C ARG B 337 19.35 18.57 22.17
N LEU B 338 20.38 19.17 21.58
CA LEU B 338 20.70 18.92 20.18
C LEU B 338 21.04 17.45 19.95
N LEU B 339 21.82 16.85 20.84
CA LEU B 339 22.18 15.44 20.68
C LEU B 339 20.96 14.55 20.80
N GLY B 340 20.08 14.84 21.76
CA GLY B 340 18.85 14.07 21.87
C GLY B 340 17.99 14.18 20.63
N LYS B 341 17.86 15.39 20.08
CA LYS B 341 17.08 15.57 18.86
C LYS B 341 17.68 14.81 17.70
N ILE B 342 19.01 14.87 17.56
CA ILE B 342 19.69 14.19 16.45
C ILE B 342 19.49 12.68 16.55
N ALA B 343 19.65 12.14 17.76
CA ALA B 343 19.43 10.71 17.94
C ALA B 343 18.00 10.33 17.62
N TRP B 344 17.03 11.17 18.01
CA TRP B 344 15.64 10.85 17.74
C TRP B 344 15.36 10.85 16.24
N ARG B 345 15.84 11.85 15.52
CA ARG B 345 15.61 11.87 14.07
C ARG B 345 16.27 10.68 13.38
N SER B 346 17.49 10.33 13.80
CA SER B 346 18.16 9.19 13.18
C SER B 346 17.40 7.89 13.45
N PHE B 347 16.93 7.71 14.69
CA PHE B 347 16.17 6.51 15.02
C PHE B 347 14.87 6.45 14.24
N LEU B 348 14.18 7.59 14.11
CA LEU B 348 12.94 7.62 13.34
C LEU B 348 13.20 7.28 11.87
N LEU B 349 14.27 7.82 11.29
CA LEU B 349 14.59 7.52 9.90
C LEU B 349 14.90 6.03 9.72
N ILE B 350 15.66 5.45 10.64
CA ILE B 350 16.01 4.05 10.53
C ILE B 350 14.77 3.17 10.61
N CYS B 351 13.90 3.45 11.58
CA CYS B 351 12.69 2.64 11.72
C CYS B 351 11.76 2.80 10.53
N ILE B 352 11.61 4.03 10.02
CA ILE B 352 10.78 4.24 8.84
C ILE B 352 11.33 3.45 7.66
N GLY B 353 12.64 3.51 7.45
CA GLY B 353 13.23 2.76 6.36
C GLY B 353 13.01 1.26 6.50
N ILE B 354 13.17 0.74 7.71
CA ILE B 354 13.05 -0.70 7.91
C ILE B 354 11.59 -1.15 7.73
N ILE B 355 10.63 -0.34 8.17
CA ILE B 355 9.25 -0.79 8.22
C ILE B 355 8.48 -0.43 6.96
N ILE B 356 8.48 0.84 6.56
CA ILE B 356 7.57 1.33 5.54
C ILE B 356 8.17 1.22 4.15
N VAL B 357 9.38 1.74 3.96
CA VAL B 357 9.93 1.91 2.61
C VAL B 357 10.43 0.57 2.06
N ASN B 358 11.39 -0.05 2.77
CA ASN B 358 12.08 -1.21 2.20
C ASN B 358 11.16 -2.38 1.91
N PRO B 359 10.32 -2.86 2.82
CA PRO B 359 9.52 -4.06 2.51
C PRO B 359 8.45 -3.76 1.49
N ASN B 360 8.06 -4.80 0.77
CA ASN B 360 6.94 -4.77 -0.17
C ASN B 360 5.85 -5.66 0.41
N TYR B 361 4.72 -5.06 0.76
CA TYR B 361 3.67 -5.75 1.50
C TYR B 361 2.58 -6.34 0.60
N CYS B 362 2.68 -6.17 -0.72
CA CYS B 362 1.68 -6.76 -1.59
C CYS B 362 1.82 -8.28 -1.65
N LEU B 363 3.04 -8.81 -1.59
CA LEU B 363 3.22 -10.26 -1.57
C LEU B 363 2.65 -10.87 -0.31
N GLY B 364 2.85 -10.22 0.83
CA GLY B 364 2.35 -10.72 2.09
C GLY B 364 2.86 -9.95 3.29
N PRO B 365 2.51 -10.42 4.49
CA PRO B 365 2.91 -9.71 5.70
C PRO B 365 4.42 -9.79 5.92
N LEU B 366 4.93 -8.83 6.68
CA LEU B 366 6.35 -8.81 7.00
C LEU B 366 6.70 -9.94 7.96
N SER B 367 7.84 -10.58 7.71
CA SER B 367 8.36 -11.63 8.56
C SER B 367 9.85 -11.41 8.77
N TRP B 368 10.32 -11.79 9.96
CA TRP B 368 11.74 -11.57 10.28
C TRP B 368 12.64 -12.34 9.34
N ASP B 369 12.25 -13.57 8.98
CA ASP B 369 13.10 -14.38 8.12
C ASP B 369 13.32 -13.77 6.75
N LYS B 370 12.44 -12.86 6.31
CA LYS B 370 12.54 -12.26 4.98
C LYS B 370 12.33 -10.76 5.06
N VAL B 371 13.00 -10.10 6.00
CA VAL B 371 12.96 -8.65 6.13
C VAL B 371 14.32 -8.09 5.72
N ARG B 372 14.30 -7.01 4.94
CA ARG B 372 15.52 -6.38 4.44
C ARG B 372 15.88 -5.24 5.38
N ILE B 373 16.93 -5.43 6.17
CA ILE B 373 17.32 -4.44 7.17
C ILE B 373 17.96 -3.23 6.50
N PRO B 374 19.07 -3.35 5.79
CA PRO B 374 19.71 -2.16 5.22
C PRO B 374 18.95 -1.65 4.00
N GLY B 375 19.10 -0.35 3.75
CA GLY B 375 18.41 0.27 2.63
C GLY B 375 18.76 1.73 2.52
N VAL B 376 17.90 2.46 1.80
CA VAL B 376 18.18 3.87 1.52
C VAL B 376 18.04 4.71 2.78
N LEU B 377 16.87 4.62 3.44
CA LEU B 377 16.61 5.49 4.58
C LEU B 377 17.45 5.11 5.80
N GLN B 378 17.74 3.82 5.99
CA GLN B 378 18.61 3.43 7.10
C GLN B 378 19.99 4.04 6.93
N ARG B 379 20.56 3.94 5.73
CA ARG B 379 21.86 4.53 5.45
C ARG B 379 21.81 6.05 5.60
N LEU B 380 20.72 6.66 5.13
CA LEU B 380 20.57 8.10 5.25
C LEU B 380 20.57 8.53 6.70
N GLY B 381 19.82 7.82 7.55
CA GLY B 381 19.78 8.14 8.95
C GLY B 381 21.09 7.91 9.66
N VAL B 382 21.79 6.83 9.30
CA VAL B 382 23.07 6.54 9.94
C VAL B 382 24.09 7.62 9.61
N THR B 383 24.17 8.03 8.33
CA THR B 383 25.07 9.11 7.96
C THR B 383 24.66 10.42 8.62
N TYR B 384 23.35 10.68 8.69
CA TYR B 384 22.83 11.84 9.41
C TYR B 384 23.36 11.86 10.84
N PHE B 385 23.21 10.75 11.55
CA PHE B 385 23.64 10.67 12.94
C PHE B 385 25.13 10.89 13.06
N VAL B 386 25.92 10.20 12.22
CA VAL B 386 27.38 10.29 12.34
C VAL B 386 27.83 11.73 12.10
N VAL B 387 27.37 12.33 11.01
CA VAL B 387 27.82 13.68 10.67
C VAL B 387 27.36 14.69 11.73
N ALA B 388 26.10 14.59 12.15
CA ALA B 388 25.59 15.55 13.12
C ALA B 388 26.33 15.44 14.44
N VAL B 389 26.59 14.22 14.90
CA VAL B 389 27.31 14.04 16.16
C VAL B 389 28.73 14.55 16.04
N LEU B 390 29.40 14.26 14.92
CA LEU B 390 30.76 14.74 14.74
C LEU B 390 30.82 16.26 14.76
N GLU B 391 29.90 16.91 14.04
CA GLU B 391 29.89 18.36 14.00
C GLU B 391 29.54 18.97 15.35
N LEU B 392 28.57 18.38 16.05
CA LEU B 392 28.17 18.88 17.36
C LEU B 392 29.33 18.75 18.35
N LEU B 393 30.09 17.67 18.27
CA LEU B 393 31.26 17.52 19.13
C LEU B 393 32.31 18.58 18.79
N PHE B 394 32.79 18.58 17.56
CA PHE B 394 33.83 19.53 17.15
C PHE B 394 33.21 20.72 16.43
N ALA B 395 32.60 21.60 17.22
CA ALA B 395 31.97 22.80 16.70
C ALA B 395 32.68 24.03 17.24
N LYS B 396 32.96 24.99 16.36
CA LYS B 396 33.59 26.24 16.72
C LYS B 396 32.77 27.41 16.19
N PRO B 397 32.72 28.52 16.91
CA PRO B 397 31.91 29.66 16.47
C PRO B 397 32.39 30.19 15.12
N VAL B 398 31.43 30.57 14.29
CA VAL B 398 31.77 31.15 12.98
C VAL B 398 32.29 32.56 13.17
N PRO B 399 33.43 32.92 12.57
CA PRO B 399 33.99 34.27 12.71
C PRO B 399 33.48 35.24 11.65
N SER B 407 37.60 36.95 2.21
CA SER B 407 38.95 36.67 2.68
C SER B 407 39.93 36.57 1.50
N CYS B 408 41.19 36.31 1.81
CA CYS B 408 42.24 36.17 0.80
C CYS B 408 43.16 35.03 1.24
N LEU B 409 42.87 33.82 0.78
CA LEU B 409 43.65 32.62 1.11
C LEU B 409 43.74 32.44 2.63
N SER B 410 42.62 32.69 3.32
CA SER B 410 42.60 32.53 4.78
C SER B 410 42.72 31.06 5.17
N LEU B 411 42.06 30.18 4.42
CA LEU B 411 42.08 28.73 4.68
C LEU B 411 41.55 28.40 6.08
N ARG B 412 40.72 29.28 6.64
CA ARG B 412 40.18 29.05 7.97
C ARG B 412 39.21 27.88 7.98
N ASP B 413 38.38 27.77 6.94
CA ASP B 413 37.32 26.75 6.93
C ASP B 413 37.88 25.34 6.91
N ILE B 414 39.12 25.15 6.48
CA ILE B 414 39.72 23.82 6.47
C ILE B 414 40.50 23.55 7.74
N THR B 415 41.30 24.51 8.20
CA THR B 415 42.14 24.28 9.37
C THR B 415 41.35 24.30 10.67
N SER B 416 40.24 25.06 10.72
CA SER B 416 39.44 25.11 11.94
C SER B 416 38.79 23.78 12.23
N SER B 417 38.27 23.11 11.20
CA SER B 417 37.68 21.80 11.35
C SER B 417 38.69 20.70 10.99
N TRP B 418 39.83 20.73 11.69
CA TRP B 418 40.87 19.74 11.45
C TRP B 418 40.59 18.39 12.09
N PRO B 419 40.01 18.29 13.30
CA PRO B 419 39.67 16.95 13.81
C PRO B 419 38.69 16.20 12.92
N GLN B 420 37.71 16.93 12.35
CA GLN B 420 36.79 16.29 11.42
C GLN B 420 37.52 15.73 10.22
N TRP B 421 38.47 16.49 9.69
CA TRP B 421 39.22 16.03 8.52
C TRP B 421 40.09 14.82 8.87
N LEU B 422 40.70 14.83 10.05
CA LEU B 422 41.49 13.67 10.47
C LEU B 422 40.60 12.42 10.57
N LEU B 423 39.42 12.56 11.19
CA LEU B 423 38.53 11.41 11.32
C LEU B 423 38.04 10.93 9.96
N ILE B 424 37.72 11.85 9.06
CA ILE B 424 37.25 11.46 7.73
C ILE B 424 38.36 10.75 6.96
N LEU B 425 39.59 11.26 7.05
CA LEU B 425 40.70 10.62 6.36
C LEU B 425 40.96 9.22 6.91
N VAL B 426 40.90 9.05 8.23
CA VAL B 426 41.12 7.72 8.78
C VAL B 426 39.98 6.78 8.39
N LEU B 427 38.74 7.28 8.31
CA LEU B 427 37.64 6.44 7.85
C LEU B 427 37.82 6.02 6.40
N GLU B 428 38.25 6.95 5.53
CA GLU B 428 38.48 6.58 4.14
C GLU B 428 39.62 5.58 4.02
N GLY B 429 40.68 5.76 4.80
CA GLY B 429 41.74 4.76 4.82
C GLY B 429 41.24 3.40 5.27
N LEU B 430 40.36 3.40 6.27
CA LEU B 430 39.78 2.13 6.72
C LEU B 430 38.97 1.47 5.62
N TRP B 431 38.17 2.25 4.89
CA TRP B 431 37.38 1.68 3.80
C TRP B 431 38.30 1.11 2.72
N LEU B 432 39.33 1.86 2.34
CA LEU B 432 40.26 1.40 1.31
C LEU B 432 40.94 0.10 1.74
N GLY B 433 41.44 0.07 2.98
CA GLY B 433 42.10 -1.13 3.46
C GLY B 433 41.19 -2.33 3.52
N LEU B 434 39.96 -2.13 4.02
CA LEU B 434 39.03 -3.25 4.14
C LEU B 434 38.61 -3.77 2.77
N THR B 435 38.44 -2.88 1.79
CA THR B 435 38.06 -3.34 0.46
C THR B 435 39.19 -4.07 -0.23
N PHE B 436 40.40 -3.50 -0.20
CA PHE B 436 41.50 -4.00 -1.02
C PHE B 436 42.42 -4.98 -0.31
N LEU B 437 42.21 -5.28 0.97
CA LEU B 437 43.14 -6.13 1.68
C LEU B 437 42.48 -7.30 2.41
N LEU B 438 41.22 -7.14 2.79
CA LEU B 438 40.56 -8.16 3.60
C LEU B 438 40.46 -9.47 2.82
N PRO B 439 40.86 -10.60 3.40
CA PRO B 439 40.79 -11.88 2.68
C PRO B 439 39.38 -12.44 2.69
N VAL B 440 38.77 -12.50 1.52
CA VAL B 440 37.41 -13.04 1.37
C VAL B 440 37.54 -14.53 1.07
N PRO B 441 36.92 -15.41 1.87
CA PRO B 441 36.98 -16.83 1.57
C PRO B 441 36.37 -17.15 0.21
N GLY B 442 37.03 -18.04 -0.53
CA GLY B 442 36.55 -18.44 -1.84
C GLY B 442 36.42 -17.30 -2.81
N CYS B 443 37.34 -16.34 -2.76
CA CYS B 443 37.27 -15.14 -3.60
C CYS B 443 38.61 -14.42 -3.57
N PRO B 444 39.06 -13.86 -4.69
CA PRO B 444 40.33 -13.12 -4.67
C PRO B 444 40.23 -11.91 -3.76
N THR B 445 41.33 -11.62 -3.07
CA THR B 445 41.37 -10.46 -2.19
C THR B 445 41.34 -9.17 -3.01
N GLY B 446 40.64 -8.17 -2.49
CA GLY B 446 40.53 -6.91 -3.17
C GLY B 446 39.77 -7.00 -4.49
N TYR B 447 38.65 -7.69 -4.47
CA TYR B 447 37.81 -7.85 -5.65
C TYR B 447 36.87 -6.66 -5.79
N LEU B 448 36.70 -6.19 -7.01
CA LEU B 448 35.78 -5.09 -7.32
C LEU B 448 34.76 -5.47 -8.37
N GLY B 449 34.78 -6.70 -8.85
CA GLY B 449 33.98 -7.09 -9.99
C GLY B 449 32.55 -7.40 -9.61
N PRO B 450 31.76 -7.76 -10.62
CA PRO B 450 30.34 -8.06 -10.39
C PRO B 450 30.02 -9.51 -10.09
N GLY B 451 30.97 -10.42 -10.24
CA GLY B 451 30.63 -11.81 -10.06
C GLY B 451 29.76 -12.31 -11.19
N GLY B 452 28.98 -13.35 -10.89
CA GLY B 452 28.11 -13.91 -11.90
C GLY B 452 28.90 -14.41 -13.10
N ILE B 453 28.49 -13.97 -14.29
CA ILE B 453 29.25 -14.26 -15.50
C ILE B 453 30.34 -13.23 -15.76
N GLY B 454 30.51 -12.26 -14.87
CA GLY B 454 31.54 -11.27 -15.07
C GLY B 454 32.93 -11.84 -14.85
N ASP B 455 33.92 -11.11 -15.35
CA ASP B 455 35.32 -11.52 -15.26
C ASP B 455 35.52 -12.92 -15.82
N PHE B 456 34.93 -13.16 -16.99
CA PHE B 456 35.00 -14.44 -17.70
C PHE B 456 34.36 -15.57 -16.92
N GLY B 457 33.52 -15.25 -15.94
CA GLY B 457 32.70 -16.26 -15.29
C GLY B 457 33.41 -17.15 -14.31
N LYS B 458 34.67 -16.89 -13.99
CA LYS B 458 35.40 -17.73 -13.05
C LYS B 458 35.13 -17.35 -11.61
N TYR B 459 34.32 -16.33 -11.36
CA TYR B 459 33.93 -15.92 -10.01
C TYR B 459 32.41 -15.87 -9.96
N PRO B 460 31.76 -17.01 -9.76
CA PRO B 460 30.29 -17.06 -9.80
C PRO B 460 29.64 -16.30 -8.66
N ASN B 461 30.05 -16.58 -7.42
CA ASN B 461 29.49 -15.92 -6.24
C ASN B 461 30.59 -15.08 -5.59
N CYS B 462 30.79 -13.87 -6.10
CA CYS B 462 31.74 -12.94 -5.51
C CYS B 462 31.26 -11.49 -5.58
N THR B 463 29.97 -11.26 -5.78
CA THR B 463 29.47 -9.92 -6.01
C THR B 463 29.79 -9.01 -4.84
N GLY B 464 30.49 -7.92 -5.12
CA GLY B 464 30.85 -6.95 -4.12
C GLY B 464 32.20 -7.15 -3.47
N GLY B 465 32.76 -8.35 -3.57
CA GLY B 465 34.06 -8.59 -2.97
C GLY B 465 34.00 -8.49 -1.46
N ALA B 466 34.92 -7.72 -0.89
CA ALA B 466 35.02 -7.62 0.56
C ALA B 466 33.77 -7.00 1.18
N ALA B 467 33.22 -5.96 0.54
CA ALA B 467 32.01 -5.34 1.05
C ALA B 467 30.84 -6.31 1.06
N GLY B 468 30.67 -7.05 -0.04
CA GLY B 468 29.60 -8.02 -0.09
C GLY B 468 29.76 -9.13 0.93
N TYR B 469 30.99 -9.62 1.11
CA TYR B 469 31.23 -10.66 2.11
C TYR B 469 30.96 -10.15 3.52
N ILE B 470 31.39 -8.93 3.83
CA ILE B 470 31.12 -8.35 5.14
C ILE B 470 29.62 -8.22 5.38
N ASP B 471 28.89 -7.73 4.37
CA ASP B 471 27.45 -7.58 4.52
C ASP B 471 26.77 -8.93 4.72
N ARG B 472 27.17 -9.94 3.94
CA ARG B 472 26.57 -11.26 4.07
C ARG B 472 26.86 -11.88 5.44
N LEU B 473 28.10 -11.72 5.92
CA LEU B 473 28.44 -12.27 7.23
C LEU B 473 27.68 -11.57 8.34
N LEU B 474 27.58 -10.23 8.29
CA LEU B 474 26.97 -9.50 9.39
C LEU B 474 25.45 -9.63 9.41
N LEU B 475 24.80 -9.53 8.25
CA LEU B 475 23.34 -9.46 8.22
C LEU B 475 22.69 -10.69 7.62
N GLY B 476 23.46 -11.64 7.11
CA GLY B 476 22.88 -12.82 6.50
C GLY B 476 22.47 -12.60 5.06
N ASP B 477 22.57 -13.65 4.24
CA ASP B 477 22.27 -13.51 2.82
C ASP B 477 20.79 -13.35 2.54
N ASP B 478 19.92 -13.52 3.53
CA ASP B 478 18.48 -13.42 3.31
C ASP B 478 17.91 -12.04 3.67
N HIS B 479 18.67 -11.21 4.38
CA HIS B 479 18.21 -9.88 4.77
C HIS B 479 18.65 -8.79 3.81
N LEU B 480 19.17 -9.15 2.64
CA LEU B 480 19.68 -8.19 1.67
C LEU B 480 18.80 -8.17 0.43
N TYR B 481 19.15 -7.28 -0.49
CA TYR B 481 18.39 -7.12 -1.73
C TYR B 481 18.48 -8.38 -2.57
N GLN B 482 17.35 -9.04 -2.80
CA GLN B 482 17.36 -10.30 -3.55
C GLN B 482 17.49 -10.09 -5.04
N HIS B 483 17.34 -8.87 -5.54
CA HIS B 483 17.41 -8.57 -6.97
C HIS B 483 18.38 -7.41 -7.19
N PRO B 484 19.68 -7.63 -7.01
CA PRO B 484 20.65 -6.53 -7.13
C PRO B 484 20.67 -5.98 -8.55
N SER B 485 21.26 -4.80 -8.68
CA SER B 485 21.27 -4.09 -9.95
C SER B 485 22.03 -4.83 -11.04
N SER B 486 22.89 -5.77 -10.68
CA SER B 486 23.63 -6.56 -11.66
C SER B 486 22.91 -7.84 -12.07
N ALA B 487 21.78 -8.17 -11.43
CA ALA B 487 21.08 -9.41 -11.73
C ALA B 487 20.42 -9.40 -13.09
N VAL B 488 20.33 -8.25 -13.75
CA VAL B 488 19.70 -8.18 -15.07
C VAL B 488 20.70 -8.35 -16.20
N LEU B 489 21.98 -8.11 -15.95
CA LEU B 489 23.00 -8.20 -17.00
C LEU B 489 24.05 -9.25 -16.70
N TYR B 490 24.60 -9.27 -15.49
CA TYR B 490 25.65 -10.22 -15.14
C TYR B 490 25.11 -11.53 -14.57
N HIS B 491 23.80 -11.65 -14.40
CA HIS B 491 23.17 -12.88 -13.94
C HIS B 491 23.77 -13.37 -12.63
N THR B 492 23.96 -12.45 -11.69
CA THR B 492 24.46 -12.83 -10.37
C THR B 492 23.37 -13.53 -9.57
N GLU B 493 23.72 -14.68 -8.99
CA GLU B 493 22.78 -15.48 -8.24
C GLU B 493 22.81 -15.21 -6.73
N VAL B 494 23.61 -14.25 -6.29
CA VAL B 494 23.72 -13.93 -4.88
C VAL B 494 22.97 -12.63 -4.60
N ALA B 495 22.78 -12.34 -3.33
CA ALA B 495 22.07 -11.14 -2.89
C ALA B 495 23.07 -10.11 -2.38
N TYR B 496 22.95 -8.88 -2.88
CA TYR B 496 23.86 -7.81 -2.50
C TYR B 496 23.08 -6.50 -2.40
N ASP B 497 23.05 -5.92 -1.20
CA ASP B 497 22.42 -4.62 -1.02
C ASP B 497 23.37 -3.51 -1.47
N PRO B 498 22.94 -2.62 -2.35
CA PRO B 498 23.76 -1.45 -2.66
C PRO B 498 24.04 -0.59 -1.44
N GLU B 499 23.11 -0.52 -0.49
CA GLU B 499 23.29 0.23 0.75
C GLU B 499 23.78 -0.69 1.86
N GLY B 500 24.97 -1.26 1.63
CA GLY B 500 25.52 -2.22 2.56
C GLY B 500 26.09 -1.60 3.83
N ILE B 501 27.11 -2.22 4.39
CA ILE B 501 27.76 -1.73 5.59
C ILE B 501 29.04 -0.96 5.27
N LEU B 502 29.86 -1.47 4.34
CA LEU B 502 31.12 -0.82 4.03
C LEU B 502 30.91 0.50 3.30
N GLY B 503 29.87 0.60 2.46
CA GLY B 503 29.59 1.84 1.77
C GLY B 503 29.17 2.98 2.68
N THR B 504 28.79 2.68 3.92
CA THR B 504 28.41 3.74 4.86
C THR B 504 29.57 4.67 5.13
N ILE B 505 30.80 4.17 5.08
CA ILE B 505 31.96 5.04 5.28
C ILE B 505 32.03 6.09 4.18
N ASN B 506 31.85 5.67 2.93
CA ASN B 506 31.90 6.62 1.83
C ASN B 506 30.69 7.56 1.85
N SER B 507 29.53 7.06 2.27
CA SER B 507 28.38 7.96 2.41
C SER B 507 28.64 9.02 3.47
N ILE B 508 29.26 8.63 4.59
CA ILE B 508 29.63 9.59 5.62
C ILE B 508 30.63 10.59 5.08
N VAL B 509 31.59 10.13 4.28
CA VAL B 509 32.58 11.04 3.70
C VAL B 509 31.89 12.06 2.79
N MET B 510 30.95 11.60 1.96
CA MET B 510 30.26 12.53 1.07
C MET B 510 29.40 13.51 1.85
N ALA B 511 28.72 13.05 2.91
CA ALA B 511 27.97 13.97 3.75
C ALA B 511 28.89 14.99 4.40
N PHE B 512 30.10 14.59 4.77
CA PHE B 512 31.05 15.54 5.31
C PHE B 512 31.52 16.52 4.25
N LEU B 513 31.64 16.08 3.00
CA LEU B 513 31.94 17.02 1.92
C LEU B 513 30.82 18.04 1.76
N GLY B 514 29.57 17.59 1.93
CA GLY B 514 28.47 18.53 1.96
C GLY B 514 28.57 19.51 3.12
N VAL B 515 29.00 19.02 4.27
CA VAL B 515 29.26 19.91 5.41
C VAL B 515 30.33 20.93 5.06
N GLN B 516 31.36 20.49 4.32
CA GLN B 516 32.42 21.41 3.92
C GLN B 516 31.89 22.48 2.97
N ALA B 517 31.01 22.10 2.06
CA ALA B 517 30.37 23.07 1.17
C ALA B 517 29.55 24.07 1.99
N GLY B 518 28.82 23.58 2.99
CA GLY B 518 28.09 24.48 3.87
C GLY B 518 28.99 25.43 4.62
N LYS B 519 30.14 24.92 5.09
CA LYS B 519 31.11 25.78 5.77
C LYS B 519 31.64 26.86 4.85
N ILE B 520 31.94 26.52 3.60
CA ILE B 520 32.40 27.51 2.65
C ILE B 520 31.31 28.55 2.40
N LEU B 521 30.06 28.10 2.28
CA LEU B 521 28.95 29.01 2.04
C LEU B 521 28.75 29.95 3.22
N LEU B 522 28.93 29.46 4.45
CA LEU B 522 28.60 30.23 5.64
C LEU B 522 29.72 31.17 6.07
N TYR B 523 30.98 30.71 6.02
CA TYR B 523 32.08 31.52 6.52
C TYR B 523 32.23 32.81 5.73
N TYR B 524 32.31 32.71 4.41
CA TYR B 524 32.52 33.88 3.55
C TYR B 524 31.19 34.39 3.00
N LYS B 525 30.28 34.72 3.92
CA LYS B 525 28.95 35.17 3.53
C LYS B 525 28.98 36.53 2.86
N ALA B 526 29.98 37.35 3.15
CA ALA B 526 30.03 38.73 2.71
C ALA B 526 30.87 38.93 1.45
N ARG B 527 31.36 37.86 0.83
CA ARG B 527 32.19 37.97 -0.36
C ARG B 527 31.81 36.84 -1.33
N THR B 528 31.00 37.19 -2.33
CA THR B 528 30.55 36.19 -3.30
C THR B 528 31.71 35.68 -4.14
N LYS B 529 32.64 36.57 -4.50
CA LYS B 529 33.78 36.14 -5.31
C LYS B 529 34.61 35.09 -4.58
N ASP B 530 34.80 35.27 -3.27
CA ASP B 530 35.53 34.27 -2.48
C ASP B 530 34.78 32.94 -2.47
N ILE B 531 33.45 32.98 -2.32
CA ILE B 531 32.67 31.75 -2.31
C ILE B 531 32.82 31.02 -3.64
N LEU B 532 32.70 31.75 -4.75
CA LEU B 532 32.83 31.11 -6.06
C LEU B 532 34.23 30.55 -6.26
N ILE B 533 35.26 31.26 -5.81
CA ILE B 533 36.63 30.77 -5.94
C ILE B 533 36.81 29.48 -5.16
N ARG B 534 36.31 29.44 -3.92
CA ARG B 534 36.44 28.22 -3.13
C ARG B 534 35.66 27.07 -3.76
N PHE B 535 34.45 27.33 -4.24
CA PHE B 535 33.65 26.28 -4.86
C PHE B 535 34.35 25.72 -6.08
N THR B 536 34.87 26.59 -6.96
CA THR B 536 35.51 26.09 -8.16
C THR B 536 36.83 25.40 -7.85
N ALA B 537 37.55 25.86 -6.82
CA ALA B 537 38.78 25.17 -6.42
C ALA B 537 38.48 23.76 -5.92
N TRP B 538 37.46 23.62 -5.07
CA TRP B 538 37.09 22.29 -4.60
C TRP B 538 36.62 21.41 -5.73
N CYS B 539 35.83 21.97 -6.66
CA CYS B 539 35.37 21.20 -7.81
C CYS B 539 36.53 20.72 -8.66
N CYS B 540 37.49 21.59 -8.92
CA CYS B 540 38.64 21.20 -9.73
C CYS B 540 39.47 20.13 -9.02
N ILE B 541 39.68 20.28 -7.71
CA ILE B 541 40.49 19.31 -6.97
C ILE B 541 39.82 17.94 -6.98
N LEU B 542 38.52 17.91 -6.69
CA LEU B 542 37.81 16.63 -6.66
C LEU B 542 37.72 16.01 -8.05
N GLY B 543 37.54 16.84 -9.08
CA GLY B 543 37.55 16.31 -10.43
C GLY B 543 38.89 15.73 -10.83
N LEU B 544 39.99 16.38 -10.42
CA LEU B 544 41.32 15.83 -10.67
C LEU B 544 41.50 14.50 -9.96
N ILE B 545 41.03 14.40 -8.71
CA ILE B 545 41.12 13.14 -7.98
C ILE B 545 40.33 12.05 -8.70
N SER B 546 39.12 12.38 -9.16
CA SER B 546 38.29 11.40 -9.85
C SER B 546 38.94 10.94 -11.16
N VAL B 547 39.50 11.89 -11.92
CA VAL B 547 40.14 11.53 -13.18
C VAL B 547 41.36 10.65 -12.93
N ALA B 548 42.13 10.97 -11.88
CA ALA B 548 43.28 10.13 -11.54
C ALA B 548 42.84 8.72 -11.16
N LEU B 549 41.78 8.61 -10.37
CA LEU B 549 41.36 7.29 -9.89
C LEU B 549 40.77 6.45 -11.00
N THR B 550 39.83 7.01 -11.78
CA THR B 550 39.09 6.21 -12.74
C THR B 550 39.83 5.99 -14.05
N LYS B 551 40.92 6.71 -14.30
CA LYS B 551 41.63 6.66 -15.58
C LYS B 551 40.68 6.92 -16.74
N VAL B 552 39.75 7.87 -16.52
CA VAL B 552 38.69 8.28 -17.44
C VAL B 552 38.14 7.08 -18.22
N SER B 553 37.82 6.01 -17.49
CA SER B 553 37.20 4.83 -18.09
C SER B 553 36.33 4.15 -17.06
N GLU B 554 35.17 3.65 -17.51
CA GLU B 554 34.20 3.07 -16.58
C GLU B 554 34.56 1.66 -16.16
N ASN B 555 35.52 1.02 -16.81
CA ASN B 555 35.92 -0.35 -16.49
C ASN B 555 37.33 -0.46 -15.94
N GLU B 556 38.30 0.18 -16.61
CA GLU B 556 39.68 0.15 -16.15
C GLU B 556 39.86 1.17 -15.03
N GLY B 557 41.11 1.44 -14.66
CA GLY B 557 41.40 2.37 -13.60
C GLY B 557 41.49 1.70 -12.24
N PHE B 558 42.11 2.42 -11.30
CA PHE B 558 42.33 1.85 -9.97
C PHE B 558 41.01 1.54 -9.27
N ILE B 559 40.12 2.53 -9.19
CA ILE B 559 38.82 2.33 -8.56
C ILE B 559 37.73 2.81 -9.52
N PRO B 560 37.04 1.92 -10.22
CA PRO B 560 36.01 2.36 -11.16
C PRO B 560 34.84 3.00 -10.44
N VAL B 561 34.16 3.91 -11.13
CA VAL B 561 32.96 4.53 -10.57
C VAL B 561 31.86 3.47 -10.52
N ASN B 562 31.45 3.11 -9.31
CA ASN B 562 30.50 2.03 -9.10
C ASN B 562 29.53 2.47 -8.02
N LYS B 563 28.23 2.42 -8.34
CA LYS B 563 27.22 2.84 -7.37
C LYS B 563 27.03 1.80 -6.27
N ASN B 564 27.01 0.51 -6.63
CA ASN B 564 26.73 -0.52 -5.64
C ASN B 564 27.76 -0.55 -4.53
N LEU B 565 29.04 -0.42 -4.89
CA LEU B 565 30.10 -0.40 -3.89
C LEU B 565 30.28 0.95 -3.24
N TRP B 566 29.63 2.00 -3.76
CA TRP B 566 29.86 3.38 -3.30
C TRP B 566 31.34 3.69 -3.30
N SER B 567 31.98 3.50 -4.44
CA SER B 567 33.42 3.63 -4.55
C SER B 567 33.86 5.06 -4.24
N LEU B 568 35.11 5.19 -3.78
CA LEU B 568 35.65 6.50 -3.46
C LEU B 568 35.68 7.39 -4.70
N SER B 569 35.98 6.81 -5.86
CA SER B 569 35.91 7.57 -7.11
C SER B 569 34.49 8.02 -7.38
N TYR B 570 33.51 7.20 -7.04
CA TYR B 570 32.11 7.59 -7.18
C TYR B 570 31.78 8.80 -6.31
N VAL B 571 32.23 8.76 -5.05
CA VAL B 571 31.98 9.87 -4.14
C VAL B 571 32.65 11.14 -4.65
N THR B 572 33.90 11.04 -5.09
CA THR B 572 34.60 12.24 -5.54
C THR B 572 34.00 12.79 -6.82
N THR B 573 33.59 11.92 -7.75
CA THR B 573 32.98 12.40 -8.99
C THR B 573 31.65 13.09 -8.72
N LEU B 574 30.80 12.47 -7.88
CA LEU B 574 29.52 13.10 -7.59
C LEU B 574 29.69 14.37 -6.77
N SER B 575 30.73 14.43 -5.93
CA SER B 575 31.02 15.67 -5.22
C SER B 575 31.49 16.77 -6.17
N SER B 576 32.28 16.41 -7.18
CA SER B 576 32.67 17.38 -8.19
C SER B 576 31.45 17.92 -8.93
N PHE B 577 30.55 17.02 -9.34
CA PHE B 577 29.35 17.45 -10.04
C PHE B 577 28.48 18.33 -9.15
N ALA B 578 28.33 17.95 -7.87
CA ALA B 578 27.51 18.74 -6.96
C ALA B 578 28.13 20.11 -6.70
N PHE B 579 29.46 20.17 -6.57
CA PHE B 579 30.11 21.47 -6.37
C PHE B 579 29.95 22.36 -7.58
N PHE B 580 30.05 21.80 -8.79
CA PHE B 580 29.78 22.60 -9.98
C PHE B 580 28.34 23.06 -10.04
N ILE B 581 27.39 22.18 -9.68
CA ILE B 581 25.99 22.57 -9.67
C ILE B 581 25.76 23.70 -8.68
N LEU B 582 26.40 23.62 -7.51
CA LEU B 582 26.27 24.69 -6.53
C LEU B 582 26.92 25.97 -7.02
N LEU B 583 28.06 25.87 -7.70
CA LEU B 583 28.71 27.05 -8.26
C LEU B 583 27.83 27.72 -9.30
N VAL B 584 27.01 26.94 -10.01
CA VAL B 584 26.07 27.53 -10.95
C VAL B 584 24.86 28.12 -10.23
N LEU B 585 24.33 27.39 -9.24
CA LEU B 585 23.05 27.75 -8.63
C LEU B 585 23.17 28.91 -7.65
N TYR B 586 24.26 28.98 -6.88
CA TYR B 586 24.37 29.98 -5.83
C TYR B 586 24.25 31.40 -6.36
N PRO B 587 24.98 31.83 -7.41
CA PRO B 587 24.82 33.20 -7.90
C PRO B 587 23.39 33.49 -8.35
N VAL B 588 22.87 32.68 -9.28
CA VAL B 588 21.62 33.01 -9.94
C VAL B 588 20.46 33.01 -8.95
N VAL B 589 20.48 32.10 -7.97
CA VAL B 589 19.36 31.97 -7.06
C VAL B 589 19.51 32.86 -5.83
N ASP B 590 20.72 33.01 -5.30
CA ASP B 590 20.95 33.79 -4.10
C ASP B 590 21.45 35.20 -4.40
N VAL B 591 22.59 35.32 -5.09
CA VAL B 591 23.22 36.62 -5.23
C VAL B 591 22.46 37.48 -6.24
N LYS B 592 22.39 37.01 -7.49
CA LYS B 592 21.70 37.77 -8.52
C LYS B 592 20.18 37.70 -8.34
N GLY B 593 19.67 36.61 -7.79
CA GLY B 593 18.23 36.46 -7.65
C GLY B 593 17.49 36.38 -8.96
N LEU B 594 18.17 36.02 -10.05
CA LEU B 594 17.55 36.02 -11.37
C LEU B 594 16.40 35.02 -11.42
N TRP B 595 16.59 33.83 -10.86
CA TRP B 595 15.59 32.78 -10.92
C TRP B 595 15.49 32.11 -9.57
N THR B 596 14.42 32.37 -8.83
CA THR B 596 14.09 31.54 -7.69
C THR B 596 13.60 30.20 -8.19
N GLY B 597 14.11 29.13 -7.58
CA GLY B 597 13.85 27.80 -8.10
C GLY B 597 12.41 27.37 -7.89
N THR B 598 11.48 28.13 -8.49
CA THR B 598 10.07 28.00 -8.13
C THR B 598 9.52 26.59 -8.24
N PRO B 599 9.71 25.84 -9.33
CA PRO B 599 9.06 24.53 -9.41
C PRO B 599 9.76 23.42 -8.63
N PHE B 600 10.90 23.72 -7.99
CA PHE B 600 11.73 22.68 -7.41
C PHE B 600 11.80 22.68 -5.89
N PHE B 601 11.79 23.83 -5.22
CA PHE B 601 12.09 23.80 -3.79
C PHE B 601 10.93 23.31 -2.94
N TYR B 602 9.75 23.13 -3.53
CA TYR B 602 8.60 22.64 -2.76
C TYR B 602 8.89 21.28 -2.15
N PRO B 603 9.43 20.29 -2.85
CA PRO B 603 10.02 19.14 -2.15
C PRO B 603 11.30 19.48 -1.43
N GLY B 604 11.99 20.56 -1.80
CA GLY B 604 13.16 20.97 -1.05
C GLY B 604 12.89 21.24 0.41
N MET B 605 11.66 21.62 0.74
CA MET B 605 11.27 21.85 2.12
C MET B 605 10.54 20.67 2.75
N ASN B 606 10.23 19.63 1.98
CA ASN B 606 9.49 18.47 2.48
C ASN B 606 10.08 17.18 1.94
N SER B 607 11.41 17.12 1.85
CA SER B 607 12.13 15.95 1.36
C SER B 607 11.63 14.62 1.92
N ILE B 608 11.72 14.45 3.24
CA ILE B 608 11.42 13.14 3.84
C ILE B 608 9.95 12.80 3.64
N LEU B 609 9.07 13.79 3.81
CA LEU B 609 7.64 13.53 3.64
C LEU B 609 7.34 13.12 2.21
N VAL B 610 7.93 13.79 1.23
CA VAL B 610 7.69 13.44 -0.17
C VAL B 610 8.20 12.05 -0.48
N TYR B 611 9.40 11.72 0.02
CA TYR B 611 9.96 10.39 -0.25
C TYR B 611 9.08 9.29 0.34
N VAL B 612 8.72 9.44 1.62
CA VAL B 612 7.90 8.41 2.26
C VAL B 612 6.53 8.32 1.59
N GLY B 613 5.95 9.47 1.22
CA GLY B 613 4.65 9.45 0.57
C GLY B 613 4.68 8.75 -0.78
N HIS B 614 5.71 9.04 -1.58
CA HIS B 614 5.77 8.42 -2.90
C HIS B 614 6.16 6.95 -2.82
N GLU B 615 6.81 6.53 -1.73
CA GLU B 615 7.01 5.09 -1.55
C GLU B 615 5.72 4.42 -1.12
N VAL B 616 4.96 5.03 -0.21
CA VAL B 616 3.70 4.46 0.24
C VAL B 616 2.67 4.48 -0.88
N PHE B 617 2.52 5.63 -1.55
CA PHE B 617 1.51 5.82 -2.58
C PHE B 617 2.03 5.51 -3.97
N GLU B 618 2.98 4.58 -4.09
CA GLU B 618 3.56 4.29 -5.39
C GLU B 618 2.52 3.73 -6.35
N ASN B 619 1.64 2.86 -5.87
CA ASN B 619 0.74 2.09 -6.73
C ASN B 619 -0.61 2.74 -6.97
N TYR B 620 -0.89 3.90 -6.36
CA TYR B 620 -2.24 4.45 -6.41
C TYR B 620 -2.53 5.06 -7.79
N PHE B 621 -3.81 5.38 -8.02
CA PHE B 621 -4.24 5.77 -9.35
C PHE B 621 -3.55 7.00 -9.91
N PRO B 622 -3.45 8.12 -9.20
CA PRO B 622 -2.85 9.32 -9.82
C PRO B 622 -1.41 9.11 -10.27
N PHE B 623 -0.74 8.08 -9.76
CA PHE B 623 0.63 7.78 -10.15
C PHE B 623 0.77 6.54 -11.02
N GLN B 624 -0.21 5.62 -10.99
CA GLN B 624 -0.17 4.43 -11.82
C GLN B 624 -1.56 4.10 -12.34
N TRP B 625 -1.61 3.62 -13.59
CA TRP B 625 -2.85 3.13 -14.16
C TRP B 625 -2.50 2.15 -15.27
N LYS B 626 -3.48 1.32 -15.63
CA LYS B 626 -3.26 0.33 -16.68
C LYS B 626 -3.06 1.01 -18.03
N LEU B 627 -2.10 0.53 -18.79
CA LEU B 627 -1.74 1.10 -20.08
C LEU B 627 -2.21 0.23 -21.23
N LYS B 628 -2.27 0.84 -22.41
CA LYS B 628 -2.68 0.09 -23.60
C LYS B 628 -1.68 -1.01 -23.93
N ASP B 629 -0.39 -0.70 -23.83
CA ASP B 629 0.66 -1.67 -24.14
C ASP B 629 1.84 -1.40 -23.22
N ASN B 630 2.10 -2.30 -22.27
CA ASN B 630 3.20 -2.11 -21.34
C ASN B 630 4.55 -2.14 -22.03
N GLN B 631 4.64 -2.75 -23.21
CA GLN B 631 5.89 -2.82 -23.95
C GLN B 631 6.04 -1.61 -24.88
N SER B 632 6.02 -0.43 -24.27
CA SER B 632 6.16 0.83 -24.99
C SER B 632 6.79 1.85 -24.06
N HIS B 633 7.90 2.45 -24.51
CA HIS B 633 8.59 3.42 -23.67
C HIS B 633 7.79 4.70 -23.50
N LYS B 634 7.05 5.11 -24.53
CA LYS B 634 6.36 6.40 -24.47
C LYS B 634 5.31 6.44 -23.38
N GLU B 635 4.51 5.37 -23.25
CA GLU B 635 3.46 5.34 -22.23
C GLU B 635 4.06 5.38 -20.83
N HIS B 636 5.11 4.58 -20.59
CA HIS B 636 5.74 4.57 -19.28
C HIS B 636 6.36 5.93 -18.96
N LEU B 637 6.99 6.55 -19.94
CA LEU B 637 7.56 7.88 -19.72
C LEU B 637 6.49 8.91 -19.38
N THR B 638 5.36 8.88 -20.11
CA THR B 638 4.28 9.81 -19.82
C THR B 638 3.73 9.59 -18.42
N GLN B 639 3.54 8.33 -18.03
CA GLN B 639 3.00 8.03 -16.70
C GLN B 639 3.96 8.50 -15.61
N ASN B 640 5.26 8.23 -15.77
CA ASN B 640 6.23 8.65 -14.76
C ASN B 640 6.33 10.17 -14.67
N ILE B 641 6.30 10.86 -15.82
CA ILE B 641 6.35 12.31 -15.83
C ILE B 641 5.13 12.90 -15.12
N VAL B 642 3.95 12.34 -15.39
CA VAL B 642 2.74 12.83 -14.75
C VAL B 642 2.79 12.60 -13.25
N ALA B 643 3.27 11.42 -12.83
CA ALA B 643 3.38 11.14 -11.40
C ALA B 643 4.33 12.09 -10.70
N THR B 644 5.49 12.35 -11.30
CA THR B 644 6.45 13.28 -10.71
C THR B 644 5.88 14.69 -10.65
N ALA B 645 5.18 15.11 -11.70
CA ALA B 645 4.57 16.44 -11.69
C ALA B 645 3.50 16.53 -10.60
N LEU B 646 2.73 15.47 -10.40
CA LEU B 646 1.74 15.45 -9.34
C LEU B 646 2.39 15.54 -7.97
N TRP B 647 3.54 14.89 -7.79
CA TRP B 647 4.22 15.00 -6.51
C TRP B 647 4.78 16.40 -6.30
N VAL B 648 5.24 17.05 -7.36
CA VAL B 648 5.65 18.45 -7.26
C VAL B 648 4.47 19.31 -6.83
N LEU B 649 3.30 19.06 -7.43
CA LEU B 649 2.11 19.83 -7.08
C LEU B 649 1.70 19.60 -5.63
N ILE B 650 1.80 18.36 -5.15
CA ILE B 650 1.46 18.05 -3.77
C ILE B 650 2.42 18.76 -2.81
N ALA B 651 3.72 18.76 -3.15
CA ALA B 651 4.69 19.49 -2.34
C ALA B 651 4.38 20.98 -2.34
N TYR B 652 3.98 21.53 -3.48
CA TYR B 652 3.58 22.93 -3.55
C TYR B 652 2.40 23.22 -2.64
N ILE B 653 1.39 22.34 -2.67
CA ILE B 653 0.21 22.53 -1.84
C ILE B 653 0.58 22.48 -0.36
N LEU B 654 1.44 21.53 0.02
CA LEU B 654 1.87 21.44 1.41
C LEU B 654 2.66 22.67 1.82
N TYR B 655 3.51 23.18 0.93
CA TYR B 655 4.28 24.39 1.24
C TYR B 655 3.37 25.59 1.43
N ARG B 656 2.33 25.71 0.59
CA ARG B 656 1.40 26.83 0.73
C ARG B 656 0.69 26.78 2.07
N LYS B 657 0.32 25.59 2.54
CA LYS B 657 -0.32 25.43 3.83
C LYS B 657 0.67 25.40 4.98
N LYS B 658 1.96 25.54 4.70
CA LYS B 658 3.01 25.62 5.72
C LYS B 658 3.01 24.38 6.62
N ILE B 659 2.80 23.22 6.02
CA ILE B 659 2.91 21.94 6.71
C ILE B 659 4.32 21.42 6.44
N PHE B 660 5.20 21.58 7.41
CA PHE B 660 6.58 21.15 7.25
C PHE B 660 6.88 19.90 8.08
#